data_7X44
# 
_entry.id   7X44 
# 
_audit_conform.dict_name       mmcif_pdbx.dic 
_audit_conform.dict_version    5.398 
_audit_conform.dict_location   http://mmcif.pdb.org/dictionaries/ascii/mmcif_pdbx.dic 
# 
loop_
_database_2.database_id 
_database_2.database_code 
_database_2.pdbx_database_accession 
_database_2.pdbx_DOI 
PDB   7X44         pdb_00007x44 10.2210/pdb7x44/pdb 
WWPDB D_1300028007 ?            ?                   
# 
loop_
_pdbx_audit_revision_history.ordinal 
_pdbx_audit_revision_history.data_content_type 
_pdbx_audit_revision_history.major_revision 
_pdbx_audit_revision_history.minor_revision 
_pdbx_audit_revision_history.revision_date 
1 'Structure model' 1 0 2023-03-08 
2 'Structure model' 1 1 2023-11-29 
3 'Structure model' 1 2 2024-11-13 
# 
_pdbx_audit_revision_details.ordinal             1 
_pdbx_audit_revision_details.revision_ordinal    1 
_pdbx_audit_revision_details.data_content_type   'Structure model' 
_pdbx_audit_revision_details.provider            repository 
_pdbx_audit_revision_details.type                'Initial release' 
_pdbx_audit_revision_details.description         ? 
_pdbx_audit_revision_details.details             ? 
# 
loop_
_pdbx_audit_revision_group.ordinal 
_pdbx_audit_revision_group.revision_ordinal 
_pdbx_audit_revision_group.data_content_type 
_pdbx_audit_revision_group.group 
1 2 'Structure model' 'Data collection'        
2 2 'Structure model' 'Refinement description' 
3 3 'Structure model' 'Structure summary'      
# 
loop_
_pdbx_audit_revision_category.ordinal 
_pdbx_audit_revision_category.revision_ordinal 
_pdbx_audit_revision_category.data_content_type 
_pdbx_audit_revision_category.category 
1 2 'Structure model' chem_comp_atom                
2 2 'Structure model' chem_comp_bond                
3 2 'Structure model' pdbx_initial_refinement_model 
4 3 'Structure model' pdbx_entry_details            
5 3 'Structure model' pdbx_modification_feature     
# 
_pdbx_database_status.status_code                     REL 
_pdbx_database_status.status_code_sf                  REL 
_pdbx_database_status.status_code_mr                  ? 
_pdbx_database_status.entry_id                        7X44 
_pdbx_database_status.recvd_initial_deposition_date   2022-03-01 
_pdbx_database_status.SG_entry                        N 
_pdbx_database_status.deposit_site                    PDBJ 
_pdbx_database_status.process_site                    PDBJ 
_pdbx_database_status.status_code_cs                  ? 
_pdbx_database_status.status_code_nmr_data            ? 
_pdbx_database_status.methods_development_category    ? 
_pdbx_database_status.pdb_format_compatible           Y 
# 
_pdbx_contact_author.id                 1 
_pdbx_contact_author.email              wjcnmr@mail.ncku.edu.tw 
_pdbx_contact_author.name_first         Woei-Jer 
_pdbx_contact_author.name_last          Chuang 
_pdbx_contact_author.name_mi            ? 
_pdbx_contact_author.role               'principal investigator/group leader' 
_pdbx_contact_author.identifier_ORCID   0000-0001-8670-2799 
# 
loop_
_audit_author.name 
_audit_author.pdbx_ordinal 
_audit_author.identifier_ORCID 
'Chang, Y.T.'  1 0000-0002-8877-4048 
'Chuang, W.J.' 2 0000-0001-8670-2799 
# 
_citation.abstract                  ? 
_citation.abstract_id_CAS           ? 
_citation.book_id_ISBN              ? 
_citation.book_publisher            ? 
_citation.book_publisher_city       ? 
_citation.book_title                ? 
_citation.coordinate_linkage        ? 
_citation.country                   ? 
_citation.database_id_Medline       ? 
_citation.details                   ? 
_citation.id                        primary 
_citation.journal_abbrev            'To Be Published' 
_citation.journal_id_ASTM           ? 
_citation.journal_id_CSD            0353 
_citation.journal_id_ISSN           ? 
_citation.journal_full              ? 
_citation.journal_issue             ? 
_citation.journal_volume            ? 
_citation.language                  ? 
_citation.page_first                ? 
_citation.page_last                 ? 
_citation.title                     
'Expression in Pichia pastoris and characterization of chlorotoxin, an anti-glioma migration agent' 
_citation.year                      ? 
_citation.database_id_CSD           ? 
_citation.pdbx_database_id_DOI      ? 
_citation.pdbx_database_id_PubMed   ? 
_citation.pdbx_database_id_patent   ? 
_citation.unpublished_flag          ? 
# 
_citation_author.citation_id        primary 
_citation_author.name               'Chang, Y.T.' 
_citation_author.ordinal            1 
_citation_author.identifier_ORCID   ? 
# 
loop_
_entity.id 
_entity.type 
_entity.src_method 
_entity.pdbx_description 
_entity.formula_weight 
_entity.pdbx_number_of_molecules 
_entity.pdbx_ec 
_entity.pdbx_mutation 
_entity.pdbx_fragment 
_entity.details 
1 polymer man Chlorotoxin 4398.170 1  ? Q11N ? ? 
2 water   nat water       18.015   40 ? ?    ? ? 
# 
_entity_name_com.entity_id   1 
_entity_name_com.name        CTX,ClTx 
# 
_entity_poly.entity_id                      1 
_entity_poly.type                           'polypeptide(L)' 
_entity_poly.nstd_linkage                   no 
_entity_poly.nstd_monomer                   no 
_entity_poly.pdbx_seq_one_letter_code       EAEAMCMPCFTTDHNMARKCDDCCGGKGRGKCYGPQCLCR 
_entity_poly.pdbx_seq_one_letter_code_can   EAEAMCMPCFTTDHNMARKCDDCCGGKGRGKCYGPQCLCR 
_entity_poly.pdbx_strand_id                 A 
_entity_poly.pdbx_target_identifier         ? 
# 
_pdbx_entity_nonpoly.entity_id   2 
_pdbx_entity_nonpoly.name        water 
_pdbx_entity_nonpoly.comp_id     HOH 
# 
loop_
_entity_poly_seq.entity_id 
_entity_poly_seq.num 
_entity_poly_seq.mon_id 
_entity_poly_seq.hetero 
1 1  GLU n 
1 2  ALA n 
1 3  GLU n 
1 4  ALA n 
1 5  MET n 
1 6  CYS n 
1 7  MET n 
1 8  PRO n 
1 9  CYS n 
1 10 PHE n 
1 11 THR n 
1 12 THR n 
1 13 ASP n 
1 14 HIS n 
1 15 ASN n 
1 16 MET n 
1 17 ALA n 
1 18 ARG n 
1 19 LYS n 
1 20 CYS n 
1 21 ASP n 
1 22 ASP n 
1 23 CYS n 
1 24 CYS n 
1 25 GLY n 
1 26 GLY n 
1 27 LYS n 
1 28 GLY n 
1 29 ARG n 
1 30 GLY n 
1 31 LYS n 
1 32 CYS n 
1 33 TYR n 
1 34 GLY n 
1 35 PRO n 
1 36 GLN n 
1 37 CYS n 
1 38 LEU n 
1 39 CYS n 
1 40 ARG n 
# 
_entity_src_gen.entity_id                          1 
_entity_src_gen.pdbx_src_id                        1 
_entity_src_gen.pdbx_alt_source_flag               sample 
_entity_src_gen.pdbx_seq_type                      'Biological sequence' 
_entity_src_gen.pdbx_beg_seq_num                   1 
_entity_src_gen.pdbx_end_seq_num                   40 
_entity_src_gen.gene_src_common_name               'Egyptian scorpion' 
_entity_src_gen.gene_src_genus                     ? 
_entity_src_gen.pdbx_gene_src_gene                 ? 
_entity_src_gen.gene_src_species                   ? 
_entity_src_gen.gene_src_strain                    ? 
_entity_src_gen.gene_src_tissue                    ? 
_entity_src_gen.gene_src_tissue_fraction           ? 
_entity_src_gen.gene_src_details                   ? 
_entity_src_gen.pdbx_gene_src_fragment             ? 
_entity_src_gen.pdbx_gene_src_scientific_name      'Leiurus quinquestriatus quinquestriatus' 
_entity_src_gen.pdbx_gene_src_ncbi_taxonomy_id     6885 
_entity_src_gen.pdbx_gene_src_variant              ? 
_entity_src_gen.pdbx_gene_src_cell_line            ? 
_entity_src_gen.pdbx_gene_src_atcc                 ? 
_entity_src_gen.pdbx_gene_src_organ                ? 
_entity_src_gen.pdbx_gene_src_organelle            ? 
_entity_src_gen.pdbx_gene_src_cell                 ? 
_entity_src_gen.pdbx_gene_src_cellular_location    ? 
_entity_src_gen.host_org_common_name               ? 
_entity_src_gen.pdbx_host_org_scientific_name      Pichia 
_entity_src_gen.pdbx_host_org_ncbi_taxonomy_id     4919 
_entity_src_gen.host_org_genus                     ? 
_entity_src_gen.pdbx_host_org_gene                 ? 
_entity_src_gen.pdbx_host_org_organ                ? 
_entity_src_gen.host_org_species                   ? 
_entity_src_gen.pdbx_host_org_tissue               ? 
_entity_src_gen.pdbx_host_org_tissue_fraction      ? 
_entity_src_gen.pdbx_host_org_strain               ? 
_entity_src_gen.pdbx_host_org_variant              ? 
_entity_src_gen.pdbx_host_org_cell_line            ? 
_entity_src_gen.pdbx_host_org_atcc                 ? 
_entity_src_gen.pdbx_host_org_culture_collection   ? 
_entity_src_gen.pdbx_host_org_cell                 ? 
_entity_src_gen.pdbx_host_org_organelle            ? 
_entity_src_gen.pdbx_host_org_cellular_location    ? 
_entity_src_gen.pdbx_host_org_vector_type          ? 
_entity_src_gen.pdbx_host_org_vector               ? 
_entity_src_gen.host_org_details                   ? 
_entity_src_gen.expression_system_id               ? 
_entity_src_gen.plasmid_name                       ? 
_entity_src_gen.plasmid_details                    ? 
_entity_src_gen.pdbx_description                   ? 
# 
loop_
_chem_comp.id 
_chem_comp.type 
_chem_comp.mon_nstd_flag 
_chem_comp.name 
_chem_comp.pdbx_synonyms 
_chem_comp.formula 
_chem_comp.formula_weight 
ALA 'L-peptide linking' y ALANINE         ? 'C3 H7 N O2'     89.093  
ARG 'L-peptide linking' y ARGININE        ? 'C6 H15 N4 O2 1' 175.209 
ASN 'L-peptide linking' y ASPARAGINE      ? 'C4 H8 N2 O3'    132.118 
ASP 'L-peptide linking' y 'ASPARTIC ACID' ? 'C4 H7 N O4'     133.103 
CYS 'L-peptide linking' y CYSTEINE        ? 'C3 H7 N O2 S'   121.158 
GLN 'L-peptide linking' y GLUTAMINE       ? 'C5 H10 N2 O3'   146.144 
GLU 'L-peptide linking' y 'GLUTAMIC ACID' ? 'C5 H9 N O4'     147.129 
GLY 'peptide linking'   y GLYCINE         ? 'C2 H5 N O2'     75.067  
HIS 'L-peptide linking' y HISTIDINE       ? 'C6 H10 N3 O2 1' 156.162 
HOH non-polymer         . WATER           ? 'H2 O'           18.015  
LEU 'L-peptide linking' y LEUCINE         ? 'C6 H13 N O2'    131.173 
LYS 'L-peptide linking' y LYSINE          ? 'C6 H15 N2 O2 1' 147.195 
MET 'L-peptide linking' y METHIONINE      ? 'C5 H11 N O2 S'  149.211 
PHE 'L-peptide linking' y PHENYLALANINE   ? 'C9 H11 N O2'    165.189 
PRO 'L-peptide linking' y PROLINE         ? 'C5 H9 N O2'     115.130 
THR 'L-peptide linking' y THREONINE       ? 'C4 H9 N O3'     119.119 
TYR 'L-peptide linking' y TYROSINE        ? 'C9 H11 N O3'    181.189 
# 
loop_
_pdbx_poly_seq_scheme.asym_id 
_pdbx_poly_seq_scheme.entity_id 
_pdbx_poly_seq_scheme.seq_id 
_pdbx_poly_seq_scheme.mon_id 
_pdbx_poly_seq_scheme.ndb_seq_num 
_pdbx_poly_seq_scheme.pdb_seq_num 
_pdbx_poly_seq_scheme.auth_seq_num 
_pdbx_poly_seq_scheme.pdb_mon_id 
_pdbx_poly_seq_scheme.auth_mon_id 
_pdbx_poly_seq_scheme.pdb_strand_id 
_pdbx_poly_seq_scheme.pdb_ins_code 
_pdbx_poly_seq_scheme.hetero 
A 1 1  GLU 1  -3 ?  ?   ?   A . n 
A 1 2  ALA 2  -2 ?  ?   ?   A . n 
A 1 3  GLU 3  -1 ?  ?   ?   A . n 
A 1 4  ALA 4  0  0  ALA ALA A . n 
A 1 5  MET 5  1  1  MET MET A . n 
A 1 6  CYS 6  2  2  CYS CYS A . n 
A 1 7  MET 7  3  3  MET MET A . n 
A 1 8  PRO 8  4  4  PRO PRO A . n 
A 1 9  CYS 9  5  5  CYS CYS A . n 
A 1 10 PHE 10 6  6  PHE PHE A . n 
A 1 11 THR 11 7  7  THR THR A . n 
A 1 12 THR 12 8  8  THR THR A . n 
A 1 13 ASP 13 9  9  ASP ASP A . n 
A 1 14 HIS 14 10 10 HIS HIS A . n 
A 1 15 ASN 15 11 11 ASN ASN A . n 
A 1 16 MET 16 12 12 MET MET A . n 
A 1 17 ALA 17 13 13 ALA ALA A . n 
A 1 18 ARG 18 14 14 ARG ARG A . n 
A 1 19 LYS 19 15 15 LYS LYS A . n 
A 1 20 CYS 20 16 16 CYS CYS A . n 
A 1 21 ASP 21 17 17 ASP ASP A . n 
A 1 22 ASP 22 18 18 ASP ASP A . n 
A 1 23 CYS 23 19 19 CYS CYS A . n 
A 1 24 CYS 24 20 20 CYS CYS A . n 
A 1 25 GLY 25 21 21 GLY GLY A . n 
A 1 26 GLY 26 22 22 GLY GLY A . n 
A 1 27 LYS 27 23 23 LYS LYS A . n 
A 1 28 GLY 28 24 24 GLY GLY A . n 
A 1 29 ARG 29 25 25 ARG ARG A . n 
A 1 30 GLY 30 26 26 GLY GLY A . n 
A 1 31 LYS 31 27 27 LYS LYS A . n 
A 1 32 CYS 32 28 28 CYS CYS A . n 
A 1 33 TYR 33 29 29 TYR TYR A . n 
A 1 34 GLY 34 30 30 GLY GLY A . n 
A 1 35 PRO 35 31 31 PRO PRO A . n 
A 1 36 GLN 36 32 32 GLN GLN A . n 
A 1 37 CYS 37 33 33 CYS CYS A . n 
A 1 38 LEU 38 34 34 LEU LEU A . n 
A 1 39 CYS 39 35 35 CYS CYS A . n 
A 1 40 ARG 40 36 36 ARG ARG A . n 
# 
loop_
_pdbx_nonpoly_scheme.asym_id 
_pdbx_nonpoly_scheme.entity_id 
_pdbx_nonpoly_scheme.mon_id 
_pdbx_nonpoly_scheme.ndb_seq_num 
_pdbx_nonpoly_scheme.pdb_seq_num 
_pdbx_nonpoly_scheme.auth_seq_num 
_pdbx_nonpoly_scheme.pdb_mon_id 
_pdbx_nonpoly_scheme.auth_mon_id 
_pdbx_nonpoly_scheme.pdb_strand_id 
_pdbx_nonpoly_scheme.pdb_ins_code 
B 2 HOH 1  101 39 HOH HOH A . 
B 2 HOH 2  102 22 HOH HOH A . 
B 2 HOH 3  103 38 HOH HOH A . 
B 2 HOH 4  104 7  HOH HOH A . 
B 2 HOH 5  105 11 HOH HOH A . 
B 2 HOH 6  106 30 HOH HOH A . 
B 2 HOH 7  107 28 HOH HOH A . 
B 2 HOH 8  108 25 HOH HOH A . 
B 2 HOH 9  109 1  HOH HOH A . 
B 2 HOH 10 110 33 HOH HOH A . 
B 2 HOH 11 111 34 HOH HOH A . 
B 2 HOH 12 112 31 HOH HOH A . 
B 2 HOH 13 113 15 HOH HOH A . 
B 2 HOH 14 114 10 HOH HOH A . 
B 2 HOH 15 115 8  HOH HOH A . 
B 2 HOH 16 116 35 HOH HOH A . 
B 2 HOH 17 117 9  HOH HOH A . 
B 2 HOH 18 118 24 HOH HOH A . 
B 2 HOH 19 119 17 HOH HOH A . 
B 2 HOH 20 120 3  HOH HOH A . 
B 2 HOH 21 121 19 HOH HOH A . 
B 2 HOH 22 122 26 HOH HOH A . 
B 2 HOH 23 123 6  HOH HOH A . 
B 2 HOH 24 124 18 HOH HOH A . 
B 2 HOH 25 125 5  HOH HOH A . 
B 2 HOH 26 126 29 HOH HOH A . 
B 2 HOH 27 127 20 HOH HOH A . 
B 2 HOH 28 128 16 HOH HOH A . 
B 2 HOH 29 129 37 HOH HOH A . 
B 2 HOH 30 130 4  HOH HOH A . 
B 2 HOH 31 131 2  HOH HOH A . 
B 2 HOH 32 132 14 HOH HOH A . 
B 2 HOH 33 133 27 HOH HOH A . 
B 2 HOH 34 134 23 HOH HOH A . 
B 2 HOH 35 135 13 HOH HOH A . 
B 2 HOH 36 136 36 HOH HOH A . 
B 2 HOH 37 137 21 HOH HOH A . 
B 2 HOH 38 138 32 HOH HOH A . 
B 2 HOH 39 139 12 HOH HOH A . 
B 2 HOH 40 140 40 HOH HOH A . 
# 
loop_
_software.citation_id 
_software.classification 
_software.compiler_name 
_software.compiler_version 
_software.contact_author 
_software.contact_author_email 
_software.date 
_software.description 
_software.dependencies 
_software.hardware 
_software.language 
_software.location 
_software.mods 
_software.name 
_software.os 
_software.os_version 
_software.type 
_software.version 
_software.pdbx_ordinal 
? refinement       ? ? ? ? ? ? ? ? ? ? ? REFMAC   ? ? ? 5.8.0267 1 
? 'data reduction' ? ? ? ? ? ? ? ? ? ? ? HKL-2000 ? ? ? 2.3.10   2 
? 'data scaling'   ? ? ? ? ? ? ? ? ? ? ? HKL-2000 ? ? ? 2.3.10   3 
? phasing          ? ? ? ? ? ? ? ? ? ? ? HKL-3000 ? ? ? 2.3.10   4 
# 
_cell.angle_alpha                  90.000 
_cell.angle_alpha_esd              ? 
_cell.angle_beta                   90.000 
_cell.angle_beta_esd               ? 
_cell.angle_gamma                  90.000 
_cell.angle_gamma_esd              ? 
_cell.entry_id                     7X44 
_cell.details                      ? 
_cell.formula_units_Z              ? 
_cell.length_a                     22.420 
_cell.length_a_esd                 ? 
_cell.length_b                     26.115 
_cell.length_b_esd                 ? 
_cell.length_c                     47.421 
_cell.length_c_esd                 ? 
_cell.volume                       ? 
_cell.volume_esd                   ? 
_cell.Z_PDB                        4 
_cell.reciprocal_angle_alpha       ? 
_cell.reciprocal_angle_beta        ? 
_cell.reciprocal_angle_gamma       ? 
_cell.reciprocal_angle_alpha_esd   ? 
_cell.reciprocal_angle_beta_esd    ? 
_cell.reciprocal_angle_gamma_esd   ? 
_cell.reciprocal_length_a          ? 
_cell.reciprocal_length_b          ? 
_cell.reciprocal_length_c          ? 
_cell.reciprocal_length_a_esd      ? 
_cell.reciprocal_length_b_esd      ? 
_cell.reciprocal_length_c_esd      ? 
_cell.pdbx_unique_axis             ? 
# 
_symmetry.entry_id                         7X44 
_symmetry.cell_setting                     ? 
_symmetry.Int_Tables_number                19 
_symmetry.space_group_name_Hall            ? 
_symmetry.space_group_name_H-M             'P 21 21 21' 
_symmetry.pdbx_full_space_group_name_H-M   ? 
# 
_exptl.absorpt_coefficient_mu     ? 
_exptl.absorpt_correction_T_max   ? 
_exptl.absorpt_correction_T_min   ? 
_exptl.absorpt_correction_type    ? 
_exptl.absorpt_process_details    ? 
_exptl.entry_id                   7X44 
_exptl.crystals_number            1 
_exptl.details                    ? 
_exptl.method                     'X-RAY DIFFRACTION' 
_exptl.method_details             ? 
# 
_exptl_crystal.colour                      ? 
_exptl_crystal.density_diffrn              ? 
_exptl_crystal.density_Matthews            1.58 
_exptl_crystal.density_method              ? 
_exptl_crystal.density_percent_sol         22.06 
_exptl_crystal.description                 ? 
_exptl_crystal.F_000                       ? 
_exptl_crystal.id                          1 
_exptl_crystal.preparation                 ? 
_exptl_crystal.size_max                    ? 
_exptl_crystal.size_mid                    ? 
_exptl_crystal.size_min                    ? 
_exptl_crystal.size_rad                    ? 
_exptl_crystal.colour_lustre               ? 
_exptl_crystal.colour_modifier             ? 
_exptl_crystal.colour_primary              ? 
_exptl_crystal.density_meas                ? 
_exptl_crystal.density_meas_esd            ? 
_exptl_crystal.density_meas_gt             ? 
_exptl_crystal.density_meas_lt             ? 
_exptl_crystal.density_meas_temp           ? 
_exptl_crystal.density_meas_temp_esd       ? 
_exptl_crystal.density_meas_temp_gt        ? 
_exptl_crystal.density_meas_temp_lt        ? 
_exptl_crystal.pdbx_crystal_image_url      ? 
_exptl_crystal.pdbx_crystal_image_format   ? 
_exptl_crystal.pdbx_mosaicity              ? 
_exptl_crystal.pdbx_mosaicity_esd          ? 
# 
_exptl_crystal_grow.apparatus       ? 
_exptl_crystal_grow.atmosphere      ? 
_exptl_crystal_grow.crystal_id      1 
_exptl_crystal_grow.details         ? 
_exptl_crystal_grow.method          'VAPOR DIFFUSION, SITTING DROP' 
_exptl_crystal_grow.method_ref      ? 
_exptl_crystal_grow.pH              ? 
_exptl_crystal_grow.pressure        ? 
_exptl_crystal_grow.pressure_esd    ? 
_exptl_crystal_grow.seeding         ? 
_exptl_crystal_grow.seeding_ref     ? 
_exptl_crystal_grow.temp            293 
_exptl_crystal_grow.temp_details    ? 
_exptl_crystal_grow.temp_esd        ? 
_exptl_crystal_grow.time            ? 
_exptl_crystal_grow.pdbx_details    '1 M monosodium phosphate and 0.75 M sodium citrate' 
_exptl_crystal_grow.pdbx_pH_range   ? 
# 
_diffrn.ambient_environment              ? 
_diffrn.ambient_temp                     100 
_diffrn.ambient_temp_details             ? 
_diffrn.ambient_temp_esd                 ? 
_diffrn.crystal_id                       1 
_diffrn.crystal_support                  ? 
_diffrn.crystal_treatment                ? 
_diffrn.details                          ? 
_diffrn.id                               1 
_diffrn.ambient_pressure                 ? 
_diffrn.ambient_pressure_esd             ? 
_diffrn.ambient_pressure_gt              ? 
_diffrn.ambient_pressure_lt              ? 
_diffrn.ambient_temp_gt                  ? 
_diffrn.ambient_temp_lt                  ? 
_diffrn.pdbx_serial_crystal_experiment   N 
# 
_diffrn_detector.details                      ? 
_diffrn_detector.detector                     CCD 
_diffrn_detector.diffrn_id                    1 
_diffrn_detector.type                         'ADSC QUANTUM 315r' 
_diffrn_detector.area_resol_mean              ? 
_diffrn_detector.dtime                        ? 
_diffrn_detector.pdbx_frames_total            ? 
_diffrn_detector.pdbx_collection_time_total   ? 
_diffrn_detector.pdbx_collection_date         2016-05-15 
_diffrn_detector.pdbx_frequency               ? 
# 
_diffrn_radiation.collimation                      ? 
_diffrn_radiation.diffrn_id                        1 
_diffrn_radiation.filter_edge                      ? 
_diffrn_radiation.inhomogeneity                    ? 
_diffrn_radiation.monochromator                    ? 
_diffrn_radiation.polarisn_norm                    ? 
_diffrn_radiation.polarisn_ratio                   ? 
_diffrn_radiation.probe                            ? 
_diffrn_radiation.type                             ? 
_diffrn_radiation.xray_symbol                      ? 
_diffrn_radiation.wavelength_id                    1 
_diffrn_radiation.pdbx_monochromatic_or_laue_m_l   M 
_diffrn_radiation.pdbx_wavelength_list             ? 
_diffrn_radiation.pdbx_wavelength                  ? 
_diffrn_radiation.pdbx_diffrn_protocol             'SINGLE WAVELENGTH' 
_diffrn_radiation.pdbx_analyzer                    ? 
_diffrn_radiation.pdbx_scattering_type             x-ray 
# 
_diffrn_radiation_wavelength.id           1 
_diffrn_radiation_wavelength.wavelength   1.00000 
_diffrn_radiation_wavelength.wt           1.0 
# 
_diffrn_source.current                     ? 
_diffrn_source.details                     ? 
_diffrn_source.diffrn_id                   1 
_diffrn_source.power                       ? 
_diffrn_source.size                        ? 
_diffrn_source.source                      SYNCHROTRON 
_diffrn_source.target                      ? 
_diffrn_source.type                        'NSRRC BEAMLINE BL13C1' 
_diffrn_source.voltage                     ? 
_diffrn_source.take-off_angle              ? 
_diffrn_source.pdbx_wavelength_list        1.00000 
_diffrn_source.pdbx_wavelength             ? 
_diffrn_source.pdbx_synchrotron_beamline   BL13C1 
_diffrn_source.pdbx_synchrotron_site       NSRRC 
# 
_reflns.B_iso_Wilson_estimate                          ? 
_reflns.entry_id                                       7X44 
_reflns.data_reduction_details                         ? 
_reflns.data_reduction_method                          ? 
_reflns.d_resolution_high                              1.04 
_reflns.d_resolution_low                               30.00 
_reflns.details                                        ? 
_reflns.limit_h_max                                    ? 
_reflns.limit_h_min                                    ? 
_reflns.limit_k_max                                    ? 
_reflns.limit_k_min                                    ? 
_reflns.limit_l_max                                    ? 
_reflns.limit_l_min                                    ? 
_reflns.number_all                                     ? 
_reflns.number_obs                                     13922 
_reflns.observed_criterion                             ? 
_reflns.observed_criterion_F_max                       ? 
_reflns.observed_criterion_F_min                       ? 
_reflns.observed_criterion_I_max                       ? 
_reflns.observed_criterion_I_min                       ? 
_reflns.observed_criterion_sigma_F                     ? 
_reflns.observed_criterion_sigma_I                     ? 
_reflns.percent_possible_obs                           99.56 
_reflns.R_free_details                                 ? 
_reflns.Rmerge_F_all                                   ? 
_reflns.Rmerge_F_obs                                   ? 
_reflns.Friedel_coverage                               ? 
_reflns.number_gt                                      ? 
_reflns.threshold_expression                           ? 
_reflns.pdbx_redundancy                                5.4 
_reflns.pdbx_Rmerge_I_obs                              0.039 
_reflns.pdbx_Rmerge_I_all                              ? 
_reflns.pdbx_Rsym_value                                ? 
_reflns.pdbx_netI_over_av_sigmaI                       ? 
_reflns.pdbx_netI_over_sigmaI                          48.9 
_reflns.pdbx_res_netI_over_av_sigmaI_2                 ? 
_reflns.pdbx_res_netI_over_sigmaI_2                    ? 
_reflns.pdbx_chi_squared                               ? 
_reflns.pdbx_scaling_rejects                           ? 
_reflns.pdbx_d_res_high_opt                            ? 
_reflns.pdbx_d_res_low_opt                             ? 
_reflns.pdbx_d_res_opt_method                          ? 
_reflns.phase_calculation_details                      ? 
_reflns.pdbx_Rrim_I_all                                ? 
_reflns.pdbx_Rpim_I_all                                ? 
_reflns.pdbx_d_opt                                     ? 
_reflns.pdbx_number_measured_all                       ? 
_reflns.pdbx_diffrn_id                                 1 
_reflns.pdbx_ordinal                                   1 
_reflns.pdbx_CC_half                                   ? 
_reflns.pdbx_CC_star                                   ? 
_reflns.pdbx_R_split                                   ? 
_reflns.pdbx_aniso_diffraction_limit_axis_1_ortho[1]   ? 
_reflns.pdbx_aniso_diffraction_limit_axis_1_ortho[2]   ? 
_reflns.pdbx_aniso_diffraction_limit_axis_1_ortho[3]   ? 
_reflns.pdbx_aniso_diffraction_limit_axis_2_ortho[1]   ? 
_reflns.pdbx_aniso_diffraction_limit_axis_2_ortho[2]   ? 
_reflns.pdbx_aniso_diffraction_limit_axis_2_ortho[3]   ? 
_reflns.pdbx_aniso_diffraction_limit_axis_3_ortho[1]   ? 
_reflns.pdbx_aniso_diffraction_limit_axis_3_ortho[2]   ? 
_reflns.pdbx_aniso_diffraction_limit_axis_3_ortho[3]   ? 
_reflns.pdbx_aniso_diffraction_limit_1                 ? 
_reflns.pdbx_aniso_diffraction_limit_2                 ? 
_reflns.pdbx_aniso_diffraction_limit_3                 ? 
_reflns.pdbx_aniso_B_tensor_eigenvector_1_ortho[1]     ? 
_reflns.pdbx_aniso_B_tensor_eigenvector_1_ortho[2]     ? 
_reflns.pdbx_aniso_B_tensor_eigenvector_1_ortho[3]     ? 
_reflns.pdbx_aniso_B_tensor_eigenvector_2_ortho[1]     ? 
_reflns.pdbx_aniso_B_tensor_eigenvector_2_ortho[2]     ? 
_reflns.pdbx_aniso_B_tensor_eigenvector_2_ortho[3]     ? 
_reflns.pdbx_aniso_B_tensor_eigenvector_3_ortho[1]     ? 
_reflns.pdbx_aniso_B_tensor_eigenvector_3_ortho[2]     ? 
_reflns.pdbx_aniso_B_tensor_eigenvector_3_ortho[3]     ? 
_reflns.pdbx_aniso_B_tensor_eigenvalue_1               ? 
_reflns.pdbx_aniso_B_tensor_eigenvalue_2               ? 
_reflns.pdbx_aniso_B_tensor_eigenvalue_3               ? 
_reflns.pdbx_orthogonalization_convention              ? 
_reflns.pdbx_percent_possible_ellipsoidal              ? 
_reflns.pdbx_percent_possible_spherical                ? 
_reflns.pdbx_percent_possible_ellipsoidal_anomalous    ? 
_reflns.pdbx_percent_possible_spherical_anomalous      ? 
_reflns.pdbx_redundancy_anomalous                      ? 
_reflns.pdbx_CC_half_anomalous                         ? 
_reflns.pdbx_absDiff_over_sigma_anomalous              ? 
_reflns.pdbx_percent_possible_anomalous                ? 
_reflns.pdbx_observed_signal_threshold                 ? 
_reflns.pdbx_signal_type                               ? 
_reflns.pdbx_signal_details                            ? 
_reflns.pdbx_signal_software_id                        ? 
# 
_reflns_shell.d_res_high                                    1.04 
_reflns_shell.d_res_low                                     1.08 
_reflns_shell.meanI_over_sigI_all                           ? 
_reflns_shell.meanI_over_sigI_obs                           ? 
_reflns_shell.number_measured_all                           ? 
_reflns_shell.number_measured_obs                           ? 
_reflns_shell.number_possible                               ? 
_reflns_shell.number_unique_all                             ? 
_reflns_shell.number_unique_obs                             1355 
_reflns_shell.percent_possible_all                          ? 
_reflns_shell.percent_possible_obs                          ? 
_reflns_shell.Rmerge_F_all                                  ? 
_reflns_shell.Rmerge_F_obs                                  ? 
_reflns_shell.Rmerge_I_all                                  ? 
_reflns_shell.Rmerge_I_obs                                  0.109 
_reflns_shell.meanI_over_sigI_gt                            ? 
_reflns_shell.meanI_over_uI_all                             ? 
_reflns_shell.meanI_over_uI_gt                              ? 
_reflns_shell.number_measured_gt                            ? 
_reflns_shell.number_unique_gt                              ? 
_reflns_shell.percent_possible_gt                           ? 
_reflns_shell.Rmerge_F_gt                                   ? 
_reflns_shell.Rmerge_I_gt                                   ? 
_reflns_shell.pdbx_redundancy                               ? 
_reflns_shell.pdbx_Rsym_value                               ? 
_reflns_shell.pdbx_chi_squared                              ? 
_reflns_shell.pdbx_netI_over_sigmaI_all                     ? 
_reflns_shell.pdbx_netI_over_sigmaI_obs                     ? 
_reflns_shell.pdbx_Rrim_I_all                               ? 
_reflns_shell.pdbx_Rpim_I_all                               ? 
_reflns_shell.pdbx_rejects                                  ? 
_reflns_shell.pdbx_ordinal                                  1 
_reflns_shell.pdbx_diffrn_id                                1 
_reflns_shell.pdbx_CC_half                                  ? 
_reflns_shell.pdbx_CC_star                                  ? 
_reflns_shell.pdbx_R_split                                  ? 
_reflns_shell.pdbx_percent_possible_ellipsoidal             ? 
_reflns_shell.pdbx_percent_possible_spherical               ? 
_reflns_shell.pdbx_percent_possible_ellipsoidal_anomalous   ? 
_reflns_shell.pdbx_percent_possible_spherical_anomalous     ? 
_reflns_shell.pdbx_redundancy_anomalous                     ? 
_reflns_shell.pdbx_CC_half_anomalous                        ? 
_reflns_shell.pdbx_absDiff_over_sigma_anomalous             ? 
_reflns_shell.pdbx_percent_possible_anomalous               ? 
# 
_refine.aniso_B[1][1]                            0.017 
_refine.aniso_B[1][2]                            -0.000 
_refine.aniso_B[1][3]                            0.000 
_refine.aniso_B[2][2]                            -0.021 
_refine.aniso_B[2][3]                            0.000 
_refine.aniso_B[3][3]                            0.004 
_refine.B_iso_max                                ? 
_refine.B_iso_mean                               6.655 
_refine.B_iso_min                                ? 
_refine.correlation_coeff_Fo_to_Fc               0.968 
_refine.correlation_coeff_Fo_to_Fc_free          0.973 
_refine.details                                  'Hydrogens have been added in their riding positions' 
_refine.diff_density_max                         ? 
_refine.diff_density_max_esd                     ? 
_refine.diff_density_min                         ? 
_refine.diff_density_min_esd                     ? 
_refine.diff_density_rms                         ? 
_refine.diff_density_rms_esd                     ? 
_refine.entry_id                                 7X44 
_refine.pdbx_refine_id                           'X-RAY DIFFRACTION' 
_refine.ls_abs_structure_details                 ? 
_refine.ls_abs_structure_Flack                   ? 
_refine.ls_abs_structure_Flack_esd               ? 
_refine.ls_abs_structure_Rogers                  ? 
_refine.ls_abs_structure_Rogers_esd              ? 
_refine.ls_d_res_high                            1.040 
_refine.ls_d_res_low                             22.876 
_refine.ls_extinction_coef                       ? 
_refine.ls_extinction_coef_esd                   ? 
_refine.ls_extinction_expression                 ? 
_refine.ls_extinction_method                     ? 
_refine.ls_goodness_of_fit_all                   ? 
_refine.ls_goodness_of_fit_all_esd               ? 
_refine.ls_goodness_of_fit_obs                   ? 
_refine.ls_goodness_of_fit_obs_esd               ? 
_refine.ls_hydrogen_treatment                    ? 
_refine.ls_matrix_type                           ? 
_refine.ls_number_constraints                    ? 
_refine.ls_number_parameters                     ? 
_refine.ls_number_reflns_all                     ? 
_refine.ls_number_reflns_obs                     13884 
_refine.ls_number_reflns_R_free                  672 
_refine.ls_number_reflns_R_work                  13212 
_refine.ls_number_restraints                     ? 
_refine.ls_percent_reflns_obs                    99.563 
_refine.ls_percent_reflns_R_free                 4.840 
_refine.ls_R_factor_all                          0.13124 
_refine.ls_R_factor_obs                          0.13124 
_refine.ls_R_factor_R_free                       0.13336 
_refine.ls_R_factor_R_free_error                 ? 
_refine.ls_R_factor_R_free_error_details         ? 
_refine.ls_R_factor_R_work                       0.13113 
_refine.ls_R_Fsqd_factor_obs                     ? 
_refine.ls_R_I_factor_obs                        ? 
_refine.ls_redundancy_reflns_all                 ? 
_refine.ls_redundancy_reflns_obs                 ? 
_refine.ls_restrained_S_all                      ? 
_refine.ls_restrained_S_obs                      ? 
_refine.ls_shift_over_esd_max                    ? 
_refine.ls_shift_over_esd_mean                   ? 
_refine.ls_structure_factor_coef                 ? 
_refine.ls_weighting_details                     ? 
_refine.ls_weighting_scheme                      ? 
_refine.ls_wR_factor_all                         ? 
_refine.ls_wR_factor_obs                         ? 
_refine.ls_wR_factor_R_free                      ? 
_refine.ls_wR_factor_R_work                      ? 
_refine.occupancy_max                            ? 
_refine.occupancy_min                            ? 
_refine.solvent_model_details                    'MASK BULK SOLVENT' 
_refine.solvent_model_param_bsol                 ? 
_refine.solvent_model_param_ksol                 ? 
_refine.pdbx_R_complete                          ? 
_refine.ls_R_factor_gt                           ? 
_refine.ls_goodness_of_fit_gt                    ? 
_refine.ls_goodness_of_fit_ref                   ? 
_refine.ls_shift_over_su_max                     ? 
_refine.ls_shift_over_su_max_lt                  ? 
_refine.ls_shift_over_su_mean                    ? 
_refine.ls_shift_over_su_mean_lt                 ? 
_refine.pdbx_ls_sigma_I                          ? 
_refine.pdbx_ls_sigma_F                          ? 
_refine.pdbx_ls_sigma_Fsqd                       ? 
_refine.pdbx_data_cutoff_high_absF               ? 
_refine.pdbx_data_cutoff_high_rms_absF           ? 
_refine.pdbx_data_cutoff_low_absF                ? 
_refine.pdbx_isotropic_thermal_model             ? 
_refine.pdbx_ls_cross_valid_method               THROUGHOUT 
_refine.pdbx_method_to_determine_struct          'MOLECULAR REPLACEMENT' 
_refine.pdbx_starting_model                      7X41 
_refine.pdbx_stereochemistry_target_values       ? 
_refine.pdbx_R_Free_selection_details            ? 
_refine.pdbx_stereochem_target_val_spec_case     ? 
_refine.pdbx_overall_ESU_R                       0.024 
_refine.pdbx_overall_ESU_R_Free                  0.022 
_refine.pdbx_solvent_vdw_probe_radii             1.200 
_refine.pdbx_solvent_ion_probe_radii             0.800 
_refine.pdbx_solvent_shrinkage_radii             0.800 
_refine.pdbx_real_space_R                        ? 
_refine.pdbx_density_correlation                 ? 
_refine.pdbx_pd_number_of_powder_patterns        ? 
_refine.pdbx_pd_number_of_points                 ? 
_refine.pdbx_pd_meas_number_of_points            ? 
_refine.pdbx_pd_proc_ls_prof_R_factor            ? 
_refine.pdbx_pd_proc_ls_prof_wR_factor           ? 
_refine.pdbx_pd_Marquardt_correlation_coeff      ? 
_refine.pdbx_pd_Fsqrd_R_factor                   ? 
_refine.pdbx_pd_ls_matrix_band_width             ? 
_refine.pdbx_overall_phase_error                 ? 
_refine.pdbx_overall_SU_R_free_Cruickshank_DPI   ? 
_refine.pdbx_overall_SU_R_free_Blow_DPI          ? 
_refine.pdbx_overall_SU_R_Blow_DPI               ? 
_refine.pdbx_TLS_residual_ADP_flag               ? 
_refine.pdbx_diffrn_id                           1 
_refine.overall_SU_B                             0.461 
_refine.overall_SU_ML                            0.011 
_refine.overall_SU_R_Cruickshank_DPI             ? 
_refine.overall_SU_R_free                        ? 
_refine.overall_FOM_free_R_set                   ? 
_refine.overall_FOM_work_R_set                   ? 
_refine.pdbx_average_fsc_overall                 ? 
_refine.pdbx_average_fsc_work                    ? 
_refine.pdbx_average_fsc_free                    ? 
# 
_refine_hist.pdbx_refine_id                   'X-RAY DIFFRACTION' 
_refine_hist.cycle_id                         LAST 
_refine_hist.pdbx_number_atoms_protein        273 
_refine_hist.pdbx_number_atoms_nucleic_acid   0 
_refine_hist.pdbx_number_atoms_ligand         0 
_refine_hist.number_atoms_solvent             40 
_refine_hist.number_atoms_total               313 
_refine_hist.d_res_high                       1.040 
_refine_hist.d_res_low                        22.876 
# 
loop_
_refine_ls_restr.pdbx_refine_id 
_refine_ls_restr.criterion 
_refine_ls_restr.dev_ideal 
_refine_ls_restr.dev_ideal_target 
_refine_ls_restr.number 
_refine_ls_restr.rejects 
_refine_ls_restr.type 
_refine_ls_restr.weight 
_refine_ls_restr.pdbx_restraint_function 
'X-RAY DIFFRACTION' ? 0.008  0.013  281 ? r_bond_refined_d               ? ? 
'X-RAY DIFFRACTION' ? 0.001  0.014  250 ? r_bond_other_d                 ? ? 
'X-RAY DIFFRACTION' ? 1.471  1.686  375 ? r_angle_refined_deg            ? ? 
'X-RAY DIFFRACTION' ? 1.530  1.617  583 ? r_angle_other_deg              ? ? 
'X-RAY DIFFRACTION' ? 8.460  5.000  36  ? r_dihedral_angle_1_deg         ? ? 
'X-RAY DIFFRACTION' ? 29.361 19.286 14  ? r_dihedral_angle_2_deg         ? ? 
'X-RAY DIFFRACTION' ? 10.631 15.000 51  ? r_dihedral_angle_3_deg         ? ? 
'X-RAY DIFFRACTION' ? 8.562  15.000 3   ? r_dihedral_angle_4_deg         ? ? 
'X-RAY DIFFRACTION' ? 0.082  0.200  34  ? r_chiral_restr                 ? ? 
'X-RAY DIFFRACTION' ? 0.006  0.020  322 ? r_gen_planes_refined           ? ? 
'X-RAY DIFFRACTION' ? 0.001  0.020  64  ? r_gen_planes_other             ? ? 
'X-RAY DIFFRACTION' ? 0.213  0.200  56  ? r_nbd_refined                  ? ? 
'X-RAY DIFFRACTION' ? 0.184  0.200  225 ? r_symmetry_nbd_other           ? ? 
'X-RAY DIFFRACTION' ? 0.165  0.200  131 ? r_nbtor_refined                ? ? 
'X-RAY DIFFRACTION' ? 0.082  0.200  141 ? r_symmetry_nbtor_other         ? ? 
'X-RAY DIFFRACTION' ? 0.143  0.200  18  ? r_xyhbond_nbd_refined          ? ? 
'X-RAY DIFFRACTION' ? 0.061  0.200  1   ? r_symmetry_xyhbond_nbd_other   ? ? 
'X-RAY DIFFRACTION' ? 0.153  0.200  10  ? r_symmetry_nbd_refined         ? ? 
'X-RAY DIFFRACTION' ? 0.172  0.200  39  ? r_nbd_other                    ? ? 
'X-RAY DIFFRACTION' ? 0.029  0.200  6   ? r_symmetry_xyhbond_nbd_refined ? ? 
'X-RAY DIFFRACTION' ? 0.333  0.382  147 ? r_mcbond_it                    ? ? 
'X-RAY DIFFRACTION' ? 0.321  0.377  146 ? r_mcbond_other                 ? ? 
'X-RAY DIFFRACTION' ? 0.482  0.573  182 ? r_mcangle_it                   ? ? 
'X-RAY DIFFRACTION' ? 0.483  0.577  183 ? r_mcangle_other                ? ? 
'X-RAY DIFFRACTION' ? 0.506  0.555  134 ? r_scbond_it                    ? ? 
'X-RAY DIFFRACTION' ? 0.506  0.556  134 ? r_scbond_other                 ? ? 
'X-RAY DIFFRACTION' ? 0.574  0.775  193 ? r_scangle_it                   ? ? 
'X-RAY DIFFRACTION' ? 0.571  0.775  193 ? r_scangle_other                ? ? 
'X-RAY DIFFRACTION' ? 1.339  5.717  308 ? r_lrange_it                    ? ? 
'X-RAY DIFFRACTION' ? 1.209  5.291  301 ? r_lrange_other                 ? ? 
'X-RAY DIFFRACTION' ? 0.781  3.000  531 ? r_rigid_bond_restr             ? ? 
# 
loop_
_refine_ls_shell.pdbx_refine_id 
_refine_ls_shell.d_res_high 
_refine_ls_shell.d_res_low 
_refine_ls_shell.number_reflns_all 
_refine_ls_shell.number_reflns_obs 
_refine_ls_shell.number_reflns_R_free 
_refine_ls_shell.number_reflns_R_work 
_refine_ls_shell.percent_reflns_obs 
_refine_ls_shell.percent_reflns_R_free 
_refine_ls_shell.R_factor_all 
_refine_ls_shell.R_factor_obs 
_refine_ls_shell.R_factor_R_free 
_refine_ls_shell.R_factor_R_free_error 
_refine_ls_shell.R_factor_R_work 
_refine_ls_shell.redundancy_reflns_all 
_refine_ls_shell.redundancy_reflns_obs 
_refine_ls_shell.wR_factor_all 
_refine_ls_shell.wR_factor_obs 
_refine_ls_shell.wR_factor_R_free 
_refine_ls_shell.wR_factor_R_work 
_refine_ls_shell.pdbx_R_complete 
_refine_ls_shell.pdbx_total_number_of_bins_used 
_refine_ls_shell.pdbx_phase_error 
_refine_ls_shell.pdbx_fsc_work 
_refine_ls_shell.pdbx_fsc_free 
'X-RAY DIFFRACTION' 1.040 1.067  1004 . 51 936 98.3068  . 0.128 . 0.134 . 0.128 . . . . . 0.104 . 20 . 0.981 0.978 
'X-RAY DIFFRACTION' 1.067 1.096  977  . 41 936 100.0000 . 0.107 . 0.185 . 0.105 . . . . . 0.088 . 20 . 0.985 0.969 
'X-RAY DIFFRACTION' 1.096 1.128  966  . 48 917 99.8965  . 0.099 . 0.112 . 0.098 . . . . . 0.082 . 20 . 0.986 0.984 
'X-RAY DIFFRACTION' 1.128 1.163  921  . 40 880 99.8914  . 0.095 . 0.105 . 0.095 . . . . . 0.083 . 20 . 0.988 0.987 
'X-RAY DIFFRACTION' 1.163 1.201  904  . 43 861 100.0000 . 0.097 . 0.095 . 0.097 . . . . . 0.087 . 20 . 0.988 0.990 
'X-RAY DIFFRACTION' 1.201 1.243  888  . 48 840 100.0000 . 0.097 . 0.095 . 0.097 . . . . . 0.089 . 20 . 0.988 0.989 
'X-RAY DIFFRACTION' 1.243 1.289  831  . 45 786 100.0000 . 0.103 . 0.127 . 0.102 . . . . . 0.095 . 20 . 0.986 0.980 
'X-RAY DIFFRACTION' 1.289 1.342  808  . 49 759 100.0000 . 0.107 . 0.139 . 0.105 . . . . . 0.100 . 20 . 0.986 0.978 
'X-RAY DIFFRACTION' 1.342 1.401  801  . 33 768 100.0000 . 0.107 . 0.114 . 0.106 . . . . . 0.102 . 20 . 0.986 0.983 
'X-RAY DIFFRACTION' 1.401 1.469  750  . 40 710 100.0000 . 0.103 . 0.120 . 0.102 . . . . . 0.103 . 20 . 0.987 0.983 
'X-RAY DIFFRACTION' 1.469 1.549  724  . 42 681 99.8619  . 0.113 . 0.114 . 0.113 . . . . . 0.115 . 20 . 0.984 0.985 
'X-RAY DIFFRACTION' 1.549 1.642  688  . 32 653 99.5640  . 0.117 . 0.124 . 0.117 . . . . . 0.123 . 20 . 0.982 0.984 
'X-RAY DIFFRACTION' 1.642 1.755  636  . 29 606 99.8428  . 0.125 . 0.147 . 0.124 . . . . . 0.133 . 20 . 0.981 0.975 
'X-RAY DIFFRACTION' 1.755 1.894  608  . 27 581 100.0000 . 0.131 . 0.103 . 0.132 . . . . . 0.146 . 20 . 0.982 0.989 
'X-RAY DIFFRACTION' 1.894 2.074  556  . 19 533 99.2806  . 0.143 . 0.140 . 0.144 . . . . . 0.170 . 20 . 0.980 0.984 
'X-RAY DIFFRACTION' 2.074 2.316  503  . 24 476 99.4036  . 0.155 . 0.154 . 0.155 . . . . . 0.185 . 20 . 0.976 0.975 
'X-RAY DIFFRACTION' 2.316 2.670  463  . 15 448 100.0000 . 0.166 . 0.167 . 0.166 . . . . . 0.204 . 20 . 0.963 0.962 
'X-RAY DIFFRACTION' 2.670 3.259  400  . 17 383 100.0000 . 0.167 . 0.163 . 0.167 . . . . . 0.206 . 20 . 0.964 0.968 
'X-RAY DIFFRACTION' 3.259 4.563  311  . 24 275 96.1415  . 0.157 . 0.153 . 0.158 . . . . . 0.205 . 20 . 0.972 0.978 
'X-RAY DIFFRACTION' 4.563 22.876 202  . 5  183 93.0693  . 0.257 . 0.227 . 0.258 . . . . . 0.358 . 20 . 0.947 0.905 
# 
_struct.entry_id                     7X44 
_struct.title                        'Crystal structure of chlorotoxin mutant - Q11N' 
_struct.pdbx_model_details           ? 
_struct.pdbx_formula_weight          ? 
_struct.pdbx_formula_weight_method   ? 
_struct.pdbx_model_type_details      ? 
_struct.pdbx_CASP_flag               N 
# 
_struct_keywords.entry_id        7X44 
_struct_keywords.text            'Neurotoxin, Anti-glioma migration agent, Glioma diagnosis, TOXIN' 
_struct_keywords.pdbx_keywords   TOXIN 
# 
loop_
_struct_asym.id 
_struct_asym.pdbx_blank_PDB_chainid_flag 
_struct_asym.pdbx_modified 
_struct_asym.entity_id 
_struct_asym.details 
A N N 1 ? 
B N N 2 ? 
# 
_struct_ref.id                         1 
_struct_ref.db_name                    UNP 
_struct_ref.db_code                    CTXL_LEIQU 
_struct_ref.pdbx_db_accession          P45639 
_struct_ref.pdbx_db_isoform            ? 
_struct_ref.entity_id                  1 
_struct_ref.pdbx_seq_one_letter_code   MCMPCFTTDHQMARKCDDCCGGKGRGKCYGPQCLCR 
_struct_ref.pdbx_align_begin           1 
# 
_struct_ref_seq.align_id                      1 
_struct_ref_seq.ref_id                        1 
_struct_ref_seq.pdbx_PDB_id_code              7X44 
_struct_ref_seq.pdbx_strand_id                A 
_struct_ref_seq.seq_align_beg                 5 
_struct_ref_seq.pdbx_seq_align_beg_ins_code   ? 
_struct_ref_seq.seq_align_end                 40 
_struct_ref_seq.pdbx_seq_align_end_ins_code   ? 
_struct_ref_seq.pdbx_db_accession             P45639 
_struct_ref_seq.db_align_beg                  1 
_struct_ref_seq.pdbx_db_align_beg_ins_code    ? 
_struct_ref_seq.db_align_end                  36 
_struct_ref_seq.pdbx_db_align_end_ins_code    ? 
_struct_ref_seq.pdbx_auth_seq_align_beg       1 
_struct_ref_seq.pdbx_auth_seq_align_end       36 
# 
loop_
_struct_ref_seq_dif.align_id 
_struct_ref_seq_dif.pdbx_pdb_id_code 
_struct_ref_seq_dif.mon_id 
_struct_ref_seq_dif.pdbx_pdb_strand_id 
_struct_ref_seq_dif.seq_num 
_struct_ref_seq_dif.pdbx_pdb_ins_code 
_struct_ref_seq_dif.pdbx_seq_db_name 
_struct_ref_seq_dif.pdbx_seq_db_accession_code 
_struct_ref_seq_dif.db_mon_id 
_struct_ref_seq_dif.pdbx_seq_db_seq_num 
_struct_ref_seq_dif.details 
_struct_ref_seq_dif.pdbx_auth_seq_num 
_struct_ref_seq_dif.pdbx_ordinal 
1 7X44 GLU A 1  ? UNP P45639 ?   ?  'expression tag'      -3 1 
1 7X44 ALA A 2  ? UNP P45639 ?   ?  'expression tag'      -2 2 
1 7X44 GLU A 3  ? UNP P45639 ?   ?  'expression tag'      -1 3 
1 7X44 ALA A 4  ? UNP P45639 ?   ?  'expression tag'      0  4 
1 7X44 ASN A 15 ? UNP P45639 GLN 11 'engineered mutation' 11 5 
# 
_pdbx_struct_assembly.id                   1 
_pdbx_struct_assembly.details              author_defined_assembly 
_pdbx_struct_assembly.method_details       ? 
_pdbx_struct_assembly.oligomeric_details   monomeric 
_pdbx_struct_assembly.oligomeric_count     1 
# 
loop_
_pdbx_struct_assembly_prop.biol_id 
_pdbx_struct_assembly_prop.type 
_pdbx_struct_assembly_prop.value 
_pdbx_struct_assembly_prop.details 
1 'ABSA (A^2)' 0    ? 
1 MORE         0    ? 
1 'SSA (A^2)'  2900 ? 
# 
_pdbx_struct_assembly_gen.assembly_id       1 
_pdbx_struct_assembly_gen.oper_expression   1 
_pdbx_struct_assembly_gen.asym_id_list      A,B 
# 
_pdbx_struct_assembly_auth_evidence.id                     1 
_pdbx_struct_assembly_auth_evidence.assembly_id            1 
_pdbx_struct_assembly_auth_evidence.experimental_support   none 
_pdbx_struct_assembly_auth_evidence.details                ? 
# 
_pdbx_struct_oper_list.id                   1 
_pdbx_struct_oper_list.type                 'identity operation' 
_pdbx_struct_oper_list.name                 1_555 
_pdbx_struct_oper_list.symmetry_operation   x,y,z 
_pdbx_struct_oper_list.matrix[1][1]         1.0000000000 
_pdbx_struct_oper_list.matrix[1][2]         0.0000000000 
_pdbx_struct_oper_list.matrix[1][3]         0.0000000000 
_pdbx_struct_oper_list.vector[1]            0.0000000000 
_pdbx_struct_oper_list.matrix[2][1]         0.0000000000 
_pdbx_struct_oper_list.matrix[2][2]         1.0000000000 
_pdbx_struct_oper_list.matrix[2][3]         0.0000000000 
_pdbx_struct_oper_list.vector[2]            0.0000000000 
_pdbx_struct_oper_list.matrix[3][1]         0.0000000000 
_pdbx_struct_oper_list.matrix[3][2]         0.0000000000 
_pdbx_struct_oper_list.matrix[3][3]         1.0000000000 
_pdbx_struct_oper_list.vector[3]            0.0000000000 
# 
_struct_conf.conf_type_id            HELX_P 
_struct_conf.id                      HELX_P1 
_struct_conf.pdbx_PDB_helix_id       AA1 
_struct_conf.beg_label_comp_id       ASN 
_struct_conf.beg_label_asym_id       A 
_struct_conf.beg_label_seq_id        15 
_struct_conf.pdbx_beg_PDB_ins_code   ? 
_struct_conf.end_label_comp_id       GLY 
_struct_conf.end_label_asym_id       A 
_struct_conf.end_label_seq_id        25 
_struct_conf.pdbx_end_PDB_ins_code   ? 
_struct_conf.beg_auth_comp_id        ASN 
_struct_conf.beg_auth_asym_id        A 
_struct_conf.beg_auth_seq_id         11 
_struct_conf.end_auth_comp_id        GLY 
_struct_conf.end_auth_asym_id        A 
_struct_conf.end_auth_seq_id         21 
_struct_conf.pdbx_PDB_helix_class    1 
_struct_conf.details                 ? 
_struct_conf.pdbx_PDB_helix_length   11 
# 
_struct_conf_type.id          HELX_P 
_struct_conf_type.criteria    ? 
_struct_conf_type.reference   ? 
# 
loop_
_struct_conn.id 
_struct_conn.conn_type_id 
_struct_conn.pdbx_leaving_atom_flag 
_struct_conn.pdbx_PDB_id 
_struct_conn.ptnr1_label_asym_id 
_struct_conn.ptnr1_label_comp_id 
_struct_conn.ptnr1_label_seq_id 
_struct_conn.ptnr1_label_atom_id 
_struct_conn.pdbx_ptnr1_label_alt_id 
_struct_conn.pdbx_ptnr1_PDB_ins_code 
_struct_conn.pdbx_ptnr1_standard_comp_id 
_struct_conn.ptnr1_symmetry 
_struct_conn.ptnr2_label_asym_id 
_struct_conn.ptnr2_label_comp_id 
_struct_conn.ptnr2_label_seq_id 
_struct_conn.ptnr2_label_atom_id 
_struct_conn.pdbx_ptnr2_label_alt_id 
_struct_conn.pdbx_ptnr2_PDB_ins_code 
_struct_conn.ptnr1_auth_asym_id 
_struct_conn.ptnr1_auth_comp_id 
_struct_conn.ptnr1_auth_seq_id 
_struct_conn.ptnr2_auth_asym_id 
_struct_conn.ptnr2_auth_comp_id 
_struct_conn.ptnr2_auth_seq_id 
_struct_conn.ptnr2_symmetry 
_struct_conn.pdbx_ptnr3_label_atom_id 
_struct_conn.pdbx_ptnr3_label_seq_id 
_struct_conn.pdbx_ptnr3_label_comp_id 
_struct_conn.pdbx_ptnr3_label_asym_id 
_struct_conn.pdbx_ptnr3_label_alt_id 
_struct_conn.pdbx_ptnr3_PDB_ins_code 
_struct_conn.details 
_struct_conn.pdbx_dist_value 
_struct_conn.pdbx_value_order 
_struct_conn.pdbx_role 
disulf1 disulf ? ? A CYS 6  SG ? ? ? 1_555 A CYS 23 SG ? ? A CYS 2  A CYS 19 1_555 ? ? ? ? ? ? ? 2.031 ? ? 
disulf2 disulf ? ? A CYS 9  SG ? ? ? 1_555 A CYS 32 SG ? ? A CYS 5  A CYS 28 1_555 ? ? ? ? ? ? ? 2.036 ? ? 
disulf3 disulf ? ? A CYS 20 SG ? ? ? 1_555 A CYS 37 SG ? ? A CYS 16 A CYS 33 1_555 ? ? ? ? ? ? ? 2.039 ? ? 
disulf4 disulf ? ? A CYS 24 SG ? ? ? 1_555 A CYS 39 SG ? ? A CYS 20 A CYS 35 1_555 ? ? ? ? ? ? ? 2.028 ? ? 
# 
_struct_conn_type.id          disulf 
_struct_conn_type.criteria    ? 
_struct_conn_type.reference   ? 
# 
loop_
_pdbx_modification_feature.ordinal 
_pdbx_modification_feature.label_comp_id 
_pdbx_modification_feature.label_asym_id 
_pdbx_modification_feature.label_seq_id 
_pdbx_modification_feature.label_alt_id 
_pdbx_modification_feature.modified_residue_label_comp_id 
_pdbx_modification_feature.modified_residue_label_asym_id 
_pdbx_modification_feature.modified_residue_label_seq_id 
_pdbx_modification_feature.modified_residue_label_alt_id 
_pdbx_modification_feature.auth_comp_id 
_pdbx_modification_feature.auth_asym_id 
_pdbx_modification_feature.auth_seq_id 
_pdbx_modification_feature.PDB_ins_code 
_pdbx_modification_feature.symmetry 
_pdbx_modification_feature.modified_residue_auth_comp_id 
_pdbx_modification_feature.modified_residue_auth_asym_id 
_pdbx_modification_feature.modified_residue_auth_seq_id 
_pdbx_modification_feature.modified_residue_PDB_ins_code 
_pdbx_modification_feature.modified_residue_symmetry 
_pdbx_modification_feature.comp_id_linking_atom 
_pdbx_modification_feature.modified_residue_id_linking_atom 
_pdbx_modification_feature.modified_residue_id 
_pdbx_modification_feature.ref_pcm_id 
_pdbx_modification_feature.ref_comp_id 
_pdbx_modification_feature.type 
_pdbx_modification_feature.category 
1 CYS A 6  ? CYS A 23 ? CYS A 2  ? 1_555 CYS A 19 ? 1_555 SG SG . . . None 'Disulfide bridge' 
2 CYS A 9  ? CYS A 32 ? CYS A 5  ? 1_555 CYS A 28 ? 1_555 SG SG . . . None 'Disulfide bridge' 
3 CYS A 20 ? CYS A 37 ? CYS A 16 ? 1_555 CYS A 33 ? 1_555 SG SG . . . None 'Disulfide bridge' 
4 CYS A 24 ? CYS A 39 ? CYS A 20 ? 1_555 CYS A 35 ? 1_555 SG SG . . . None 'Disulfide bridge' 
# 
_struct_sheet.id               AA1 
_struct_sheet.type             ? 
_struct_sheet.number_strands   3 
_struct_sheet.details          ? 
# 
loop_
_struct_sheet_order.sheet_id 
_struct_sheet_order.range_id_1 
_struct_sheet_order.range_id_2 
_struct_sheet_order.offset 
_struct_sheet_order.sense 
AA1 1 2 ? anti-parallel 
AA1 2 3 ? anti-parallel 
# 
loop_
_struct_sheet_range.sheet_id 
_struct_sheet_range.id 
_struct_sheet_range.beg_label_comp_id 
_struct_sheet_range.beg_label_asym_id 
_struct_sheet_range.beg_label_seq_id 
_struct_sheet_range.pdbx_beg_PDB_ins_code 
_struct_sheet_range.end_label_comp_id 
_struct_sheet_range.end_label_asym_id 
_struct_sheet_range.end_label_seq_id 
_struct_sheet_range.pdbx_end_PDB_ins_code 
_struct_sheet_range.beg_auth_comp_id 
_struct_sheet_range.beg_auth_asym_id 
_struct_sheet_range.beg_auth_seq_id 
_struct_sheet_range.end_auth_comp_id 
_struct_sheet_range.end_auth_asym_id 
_struct_sheet_range.end_auth_seq_id 
AA1 1 MET A 7  ? PRO A 8  ? MET A 3  PRO A 4  
AA1 2 GLN A 36 ? CYS A 39 ? GLN A 32 CYS A 35 
AA1 3 GLY A 30 ? TYR A 33 ? GLY A 26 TYR A 29 
# 
loop_
_pdbx_struct_sheet_hbond.sheet_id 
_pdbx_struct_sheet_hbond.range_id_1 
_pdbx_struct_sheet_hbond.range_id_2 
_pdbx_struct_sheet_hbond.range_1_label_atom_id 
_pdbx_struct_sheet_hbond.range_1_label_comp_id 
_pdbx_struct_sheet_hbond.range_1_label_asym_id 
_pdbx_struct_sheet_hbond.range_1_label_seq_id 
_pdbx_struct_sheet_hbond.range_1_PDB_ins_code 
_pdbx_struct_sheet_hbond.range_1_auth_atom_id 
_pdbx_struct_sheet_hbond.range_1_auth_comp_id 
_pdbx_struct_sheet_hbond.range_1_auth_asym_id 
_pdbx_struct_sheet_hbond.range_1_auth_seq_id 
_pdbx_struct_sheet_hbond.range_2_label_atom_id 
_pdbx_struct_sheet_hbond.range_2_label_comp_id 
_pdbx_struct_sheet_hbond.range_2_label_asym_id 
_pdbx_struct_sheet_hbond.range_2_label_seq_id 
_pdbx_struct_sheet_hbond.range_2_PDB_ins_code 
_pdbx_struct_sheet_hbond.range_2_auth_atom_id 
_pdbx_struct_sheet_hbond.range_2_auth_comp_id 
_pdbx_struct_sheet_hbond.range_2_auth_asym_id 
_pdbx_struct_sheet_hbond.range_2_auth_seq_id 
AA1 1 2 N MET A 7  ? N MET A 3  O CYS A 37 ? O CYS A 33 
AA1 2 3 O LEU A 38 ? O LEU A 34 N LYS A 31 ? N LYS A 27 
# 
_pdbx_entry_details.entry_id                   7X44 
_pdbx_entry_details.compound_details           ? 
_pdbx_entry_details.source_details             ? 
_pdbx_entry_details.nonpolymer_details         ? 
_pdbx_entry_details.sequence_details           ? 
_pdbx_entry_details.has_ligand_of_interest     ? 
_pdbx_entry_details.has_protein_modification   Y 
# 
_pdbx_refine_tls.id               1 
_pdbx_refine_tls.pdbx_refine_id   'X-RAY DIFFRACTION' 
_pdbx_refine_tls.details          ? 
_pdbx_refine_tls.method           refined 
_pdbx_refine_tls.origin_x         0.0751 
_pdbx_refine_tls.origin_y         0.1182 
_pdbx_refine_tls.origin_z         0.4562 
_pdbx_refine_tls.T[1][1]          0.0102 
_pdbx_refine_tls.T[1][1]_esd      ? 
_pdbx_refine_tls.T[1][2]          -0.0009 
_pdbx_refine_tls.T[1][2]_esd      ? 
_pdbx_refine_tls.T[1][3]          0.0011 
_pdbx_refine_tls.T[1][3]_esd      ? 
_pdbx_refine_tls.T[2][2]          0.0145 
_pdbx_refine_tls.T[2][2]_esd      ? 
_pdbx_refine_tls.T[2][3]          -0.0018 
_pdbx_refine_tls.T[2][3]_esd      ? 
_pdbx_refine_tls.T[3][3]          0.0061 
_pdbx_refine_tls.T[3][3]_esd      ? 
_pdbx_refine_tls.L[1][1]          0.6652 
_pdbx_refine_tls.L[1][1]_esd      ? 
_pdbx_refine_tls.L[1][2]          -0.3883 
_pdbx_refine_tls.L[1][2]_esd      ? 
_pdbx_refine_tls.L[1][3]          -0.2157 
_pdbx_refine_tls.L[1][3]_esd      ? 
_pdbx_refine_tls.L[2][2]          0.2585 
_pdbx_refine_tls.L[2][2]_esd      ? 
_pdbx_refine_tls.L[2][3]          0.1206 
_pdbx_refine_tls.L[2][3]_esd      ? 
_pdbx_refine_tls.L[3][3]          0.7700 
_pdbx_refine_tls.L[3][3]_esd      ? 
_pdbx_refine_tls.S[1][1]          0.0109 
_pdbx_refine_tls.S[1][1]_esd      ? 
_pdbx_refine_tls.S[1][2]          -0.0148 
_pdbx_refine_tls.S[1][2]_esd      ? 
_pdbx_refine_tls.S[1][3]          0.0187 
_pdbx_refine_tls.S[1][3]_esd      ? 
_pdbx_refine_tls.S[2][1]          -0.0045 
_pdbx_refine_tls.S[2][1]_esd      ? 
_pdbx_refine_tls.S[2][2]          -0.0128 
_pdbx_refine_tls.S[2][2]_esd      ? 
_pdbx_refine_tls.S[2][3]          -0.0092 
_pdbx_refine_tls.S[2][3]_esd      ? 
_pdbx_refine_tls.S[3][1]          -0.0056 
_pdbx_refine_tls.S[3][1]_esd      ? 
_pdbx_refine_tls.S[3][2]          0.0076 
_pdbx_refine_tls.S[3][2]_esd      ? 
_pdbx_refine_tls.S[3][3]          0.0019 
_pdbx_refine_tls.S[3][3]_esd      ? 
# 
_pdbx_refine_tls_group.id                  1 
_pdbx_refine_tls_group.pdbx_refine_id      'X-RAY DIFFRACTION' 
_pdbx_refine_tls_group.refine_tls_id       1 
_pdbx_refine_tls_group.beg_label_asym_id   ? 
_pdbx_refine_tls_group.beg_label_seq_id    ? 
_pdbx_refine_tls_group.beg_auth_asym_id    A 
_pdbx_refine_tls_group.beg_auth_seq_id     0 
_pdbx_refine_tls_group.beg_PDB_ins_code    ? 
_pdbx_refine_tls_group.end_label_asym_id   ? 
_pdbx_refine_tls_group.end_label_seq_id    ? 
_pdbx_refine_tls_group.end_auth_asym_id    A 
_pdbx_refine_tls_group.end_auth_seq_id     36 
_pdbx_refine_tls_group.end_PDB_ins_code    ? 
_pdbx_refine_tls_group.selection           ALL 
_pdbx_refine_tls_group.selection_details   ? 
# 
loop_
_pdbx_unobs_or_zero_occ_residues.id 
_pdbx_unobs_or_zero_occ_residues.PDB_model_num 
_pdbx_unobs_or_zero_occ_residues.polymer_flag 
_pdbx_unobs_or_zero_occ_residues.occupancy_flag 
_pdbx_unobs_or_zero_occ_residues.auth_asym_id 
_pdbx_unobs_or_zero_occ_residues.auth_comp_id 
_pdbx_unobs_or_zero_occ_residues.auth_seq_id 
_pdbx_unobs_or_zero_occ_residues.PDB_ins_code 
_pdbx_unobs_or_zero_occ_residues.label_asym_id 
_pdbx_unobs_or_zero_occ_residues.label_comp_id 
_pdbx_unobs_or_zero_occ_residues.label_seq_id 
1 1 Y 1 A GLU -3 ? A GLU 1 
2 1 Y 1 A ALA -2 ? A ALA 2 
3 1 Y 1 A GLU -1 ? A GLU 3 
# 
loop_
_chem_comp_atom.comp_id 
_chem_comp_atom.atom_id 
_chem_comp_atom.type_symbol 
_chem_comp_atom.pdbx_aromatic_flag 
_chem_comp_atom.pdbx_stereo_config 
_chem_comp_atom.pdbx_ordinal 
ALA N    N N N 1   
ALA CA   C N S 2   
ALA C    C N N 3   
ALA O    O N N 4   
ALA CB   C N N 5   
ALA OXT  O N N 6   
ALA H    H N N 7   
ALA H2   H N N 8   
ALA HA   H N N 9   
ALA HB1  H N N 10  
ALA HB2  H N N 11  
ALA HB3  H N N 12  
ALA HXT  H N N 13  
ARG N    N N N 14  
ARG CA   C N S 15  
ARG C    C N N 16  
ARG O    O N N 17  
ARG CB   C N N 18  
ARG CG   C N N 19  
ARG CD   C N N 20  
ARG NE   N N N 21  
ARG CZ   C N N 22  
ARG NH1  N N N 23  
ARG NH2  N N N 24  
ARG OXT  O N N 25  
ARG H    H N N 26  
ARG H2   H N N 27  
ARG HA   H N N 28  
ARG HB2  H N N 29  
ARG HB3  H N N 30  
ARG HG2  H N N 31  
ARG HG3  H N N 32  
ARG HD2  H N N 33  
ARG HD3  H N N 34  
ARG HE   H N N 35  
ARG HH11 H N N 36  
ARG HH12 H N N 37  
ARG HH21 H N N 38  
ARG HH22 H N N 39  
ARG HXT  H N N 40  
ASN N    N N N 41  
ASN CA   C N S 42  
ASN C    C N N 43  
ASN O    O N N 44  
ASN CB   C N N 45  
ASN CG   C N N 46  
ASN OD1  O N N 47  
ASN ND2  N N N 48  
ASN OXT  O N N 49  
ASN H    H N N 50  
ASN H2   H N N 51  
ASN HA   H N N 52  
ASN HB2  H N N 53  
ASN HB3  H N N 54  
ASN HD21 H N N 55  
ASN HD22 H N N 56  
ASN HXT  H N N 57  
ASP N    N N N 58  
ASP CA   C N S 59  
ASP C    C N N 60  
ASP O    O N N 61  
ASP CB   C N N 62  
ASP CG   C N N 63  
ASP OD1  O N N 64  
ASP OD2  O N N 65  
ASP OXT  O N N 66  
ASP H    H N N 67  
ASP H2   H N N 68  
ASP HA   H N N 69  
ASP HB2  H N N 70  
ASP HB3  H N N 71  
ASP HD2  H N N 72  
ASP HXT  H N N 73  
CYS N    N N N 74  
CYS CA   C N R 75  
CYS C    C N N 76  
CYS O    O N N 77  
CYS CB   C N N 78  
CYS SG   S N N 79  
CYS OXT  O N N 80  
CYS H    H N N 81  
CYS H2   H N N 82  
CYS HA   H N N 83  
CYS HB2  H N N 84  
CYS HB3  H N N 85  
CYS HG   H N N 86  
CYS HXT  H N N 87  
GLN N    N N N 88  
GLN CA   C N S 89  
GLN C    C N N 90  
GLN O    O N N 91  
GLN CB   C N N 92  
GLN CG   C N N 93  
GLN CD   C N N 94  
GLN OE1  O N N 95  
GLN NE2  N N N 96  
GLN OXT  O N N 97  
GLN H    H N N 98  
GLN H2   H N N 99  
GLN HA   H N N 100 
GLN HB2  H N N 101 
GLN HB3  H N N 102 
GLN HG2  H N N 103 
GLN HG3  H N N 104 
GLN HE21 H N N 105 
GLN HE22 H N N 106 
GLN HXT  H N N 107 
GLU N    N N N 108 
GLU CA   C N S 109 
GLU C    C N N 110 
GLU O    O N N 111 
GLU CB   C N N 112 
GLU CG   C N N 113 
GLU CD   C N N 114 
GLU OE1  O N N 115 
GLU OE2  O N N 116 
GLU OXT  O N N 117 
GLU H    H N N 118 
GLU H2   H N N 119 
GLU HA   H N N 120 
GLU HB2  H N N 121 
GLU HB3  H N N 122 
GLU HG2  H N N 123 
GLU HG3  H N N 124 
GLU HE2  H N N 125 
GLU HXT  H N N 126 
GLY N    N N N 127 
GLY CA   C N N 128 
GLY C    C N N 129 
GLY O    O N N 130 
GLY OXT  O N N 131 
GLY H    H N N 132 
GLY H2   H N N 133 
GLY HA2  H N N 134 
GLY HA3  H N N 135 
GLY HXT  H N N 136 
HIS N    N N N 137 
HIS CA   C N S 138 
HIS C    C N N 139 
HIS O    O N N 140 
HIS CB   C N N 141 
HIS CG   C Y N 142 
HIS ND1  N Y N 143 
HIS CD2  C Y N 144 
HIS CE1  C Y N 145 
HIS NE2  N Y N 146 
HIS OXT  O N N 147 
HIS H    H N N 148 
HIS H2   H N N 149 
HIS HA   H N N 150 
HIS HB2  H N N 151 
HIS HB3  H N N 152 
HIS HD1  H N N 153 
HIS HD2  H N N 154 
HIS HE1  H N N 155 
HIS HE2  H N N 156 
HIS HXT  H N N 157 
HOH O    O N N 158 
HOH H1   H N N 159 
HOH H2   H N N 160 
LEU N    N N N 161 
LEU CA   C N S 162 
LEU C    C N N 163 
LEU O    O N N 164 
LEU CB   C N N 165 
LEU CG   C N N 166 
LEU CD1  C N N 167 
LEU CD2  C N N 168 
LEU OXT  O N N 169 
LEU H    H N N 170 
LEU H2   H N N 171 
LEU HA   H N N 172 
LEU HB2  H N N 173 
LEU HB3  H N N 174 
LEU HG   H N N 175 
LEU HD11 H N N 176 
LEU HD12 H N N 177 
LEU HD13 H N N 178 
LEU HD21 H N N 179 
LEU HD22 H N N 180 
LEU HD23 H N N 181 
LEU HXT  H N N 182 
LYS N    N N N 183 
LYS CA   C N S 184 
LYS C    C N N 185 
LYS O    O N N 186 
LYS CB   C N N 187 
LYS CG   C N N 188 
LYS CD   C N N 189 
LYS CE   C N N 190 
LYS NZ   N N N 191 
LYS OXT  O N N 192 
LYS H    H N N 193 
LYS H2   H N N 194 
LYS HA   H N N 195 
LYS HB2  H N N 196 
LYS HB3  H N N 197 
LYS HG2  H N N 198 
LYS HG3  H N N 199 
LYS HD2  H N N 200 
LYS HD3  H N N 201 
LYS HE2  H N N 202 
LYS HE3  H N N 203 
LYS HZ1  H N N 204 
LYS HZ2  H N N 205 
LYS HZ3  H N N 206 
LYS HXT  H N N 207 
MET N    N N N 208 
MET CA   C N S 209 
MET C    C N N 210 
MET O    O N N 211 
MET CB   C N N 212 
MET CG   C N N 213 
MET SD   S N N 214 
MET CE   C N N 215 
MET OXT  O N N 216 
MET H    H N N 217 
MET H2   H N N 218 
MET HA   H N N 219 
MET HB2  H N N 220 
MET HB3  H N N 221 
MET HG2  H N N 222 
MET HG3  H N N 223 
MET HE1  H N N 224 
MET HE2  H N N 225 
MET HE3  H N N 226 
MET HXT  H N N 227 
PHE N    N N N 228 
PHE CA   C N S 229 
PHE C    C N N 230 
PHE O    O N N 231 
PHE CB   C N N 232 
PHE CG   C Y N 233 
PHE CD1  C Y N 234 
PHE CD2  C Y N 235 
PHE CE1  C Y N 236 
PHE CE2  C Y N 237 
PHE CZ   C Y N 238 
PHE OXT  O N N 239 
PHE H    H N N 240 
PHE H2   H N N 241 
PHE HA   H N N 242 
PHE HB2  H N N 243 
PHE HB3  H N N 244 
PHE HD1  H N N 245 
PHE HD2  H N N 246 
PHE HE1  H N N 247 
PHE HE2  H N N 248 
PHE HZ   H N N 249 
PHE HXT  H N N 250 
PRO N    N N N 251 
PRO CA   C N S 252 
PRO C    C N N 253 
PRO O    O N N 254 
PRO CB   C N N 255 
PRO CG   C N N 256 
PRO CD   C N N 257 
PRO OXT  O N N 258 
PRO H    H N N 259 
PRO HA   H N N 260 
PRO HB2  H N N 261 
PRO HB3  H N N 262 
PRO HG2  H N N 263 
PRO HG3  H N N 264 
PRO HD2  H N N 265 
PRO HD3  H N N 266 
PRO HXT  H N N 267 
THR N    N N N 268 
THR CA   C N S 269 
THR C    C N N 270 
THR O    O N N 271 
THR CB   C N R 272 
THR OG1  O N N 273 
THR CG2  C N N 274 
THR OXT  O N N 275 
THR H    H N N 276 
THR H2   H N N 277 
THR HA   H N N 278 
THR HB   H N N 279 
THR HG1  H N N 280 
THR HG21 H N N 281 
THR HG22 H N N 282 
THR HG23 H N N 283 
THR HXT  H N N 284 
TYR N    N N N 285 
TYR CA   C N S 286 
TYR C    C N N 287 
TYR O    O N N 288 
TYR CB   C N N 289 
TYR CG   C Y N 290 
TYR CD1  C Y N 291 
TYR CD2  C Y N 292 
TYR CE1  C Y N 293 
TYR CE2  C Y N 294 
TYR CZ   C Y N 295 
TYR OH   O N N 296 
TYR OXT  O N N 297 
TYR H    H N N 298 
TYR H2   H N N 299 
TYR HA   H N N 300 
TYR HB2  H N N 301 
TYR HB3  H N N 302 
TYR HD1  H N N 303 
TYR HD2  H N N 304 
TYR HE1  H N N 305 
TYR HE2  H N N 306 
TYR HH   H N N 307 
TYR HXT  H N N 308 
# 
loop_
_chem_comp_bond.comp_id 
_chem_comp_bond.atom_id_1 
_chem_comp_bond.atom_id_2 
_chem_comp_bond.value_order 
_chem_comp_bond.pdbx_aromatic_flag 
_chem_comp_bond.pdbx_stereo_config 
_chem_comp_bond.pdbx_ordinal 
ALA N   CA   sing N N 1   
ALA N   H    sing N N 2   
ALA N   H2   sing N N 3   
ALA CA  C    sing N N 4   
ALA CA  CB   sing N N 5   
ALA CA  HA   sing N N 6   
ALA C   O    doub N N 7   
ALA C   OXT  sing N N 8   
ALA CB  HB1  sing N N 9   
ALA CB  HB2  sing N N 10  
ALA CB  HB3  sing N N 11  
ALA OXT HXT  sing N N 12  
ARG N   CA   sing N N 13  
ARG N   H    sing N N 14  
ARG N   H2   sing N N 15  
ARG CA  C    sing N N 16  
ARG CA  CB   sing N N 17  
ARG CA  HA   sing N N 18  
ARG C   O    doub N N 19  
ARG C   OXT  sing N N 20  
ARG CB  CG   sing N N 21  
ARG CB  HB2  sing N N 22  
ARG CB  HB3  sing N N 23  
ARG CG  CD   sing N N 24  
ARG CG  HG2  sing N N 25  
ARG CG  HG3  sing N N 26  
ARG CD  NE   sing N N 27  
ARG CD  HD2  sing N N 28  
ARG CD  HD3  sing N N 29  
ARG NE  CZ   sing N N 30  
ARG NE  HE   sing N N 31  
ARG CZ  NH1  sing N N 32  
ARG CZ  NH2  doub N N 33  
ARG NH1 HH11 sing N N 34  
ARG NH1 HH12 sing N N 35  
ARG NH2 HH21 sing N N 36  
ARG NH2 HH22 sing N N 37  
ARG OXT HXT  sing N N 38  
ASN N   CA   sing N N 39  
ASN N   H    sing N N 40  
ASN N   H2   sing N N 41  
ASN CA  C    sing N N 42  
ASN CA  CB   sing N N 43  
ASN CA  HA   sing N N 44  
ASN C   O    doub N N 45  
ASN C   OXT  sing N N 46  
ASN CB  CG   sing N N 47  
ASN CB  HB2  sing N N 48  
ASN CB  HB3  sing N N 49  
ASN CG  OD1  doub N N 50  
ASN CG  ND2  sing N N 51  
ASN ND2 HD21 sing N N 52  
ASN ND2 HD22 sing N N 53  
ASN OXT HXT  sing N N 54  
ASP N   CA   sing N N 55  
ASP N   H    sing N N 56  
ASP N   H2   sing N N 57  
ASP CA  C    sing N N 58  
ASP CA  CB   sing N N 59  
ASP CA  HA   sing N N 60  
ASP C   O    doub N N 61  
ASP C   OXT  sing N N 62  
ASP CB  CG   sing N N 63  
ASP CB  HB2  sing N N 64  
ASP CB  HB3  sing N N 65  
ASP CG  OD1  doub N N 66  
ASP CG  OD2  sing N N 67  
ASP OD2 HD2  sing N N 68  
ASP OXT HXT  sing N N 69  
CYS N   CA   sing N N 70  
CYS N   H    sing N N 71  
CYS N   H2   sing N N 72  
CYS CA  C    sing N N 73  
CYS CA  CB   sing N N 74  
CYS CA  HA   sing N N 75  
CYS C   O    doub N N 76  
CYS C   OXT  sing N N 77  
CYS CB  SG   sing N N 78  
CYS CB  HB2  sing N N 79  
CYS CB  HB3  sing N N 80  
CYS SG  HG   sing N N 81  
CYS OXT HXT  sing N N 82  
GLN N   CA   sing N N 83  
GLN N   H    sing N N 84  
GLN N   H2   sing N N 85  
GLN CA  C    sing N N 86  
GLN CA  CB   sing N N 87  
GLN CA  HA   sing N N 88  
GLN C   O    doub N N 89  
GLN C   OXT  sing N N 90  
GLN CB  CG   sing N N 91  
GLN CB  HB2  sing N N 92  
GLN CB  HB3  sing N N 93  
GLN CG  CD   sing N N 94  
GLN CG  HG2  sing N N 95  
GLN CG  HG3  sing N N 96  
GLN CD  OE1  doub N N 97  
GLN CD  NE2  sing N N 98  
GLN NE2 HE21 sing N N 99  
GLN NE2 HE22 sing N N 100 
GLN OXT HXT  sing N N 101 
GLU N   CA   sing N N 102 
GLU N   H    sing N N 103 
GLU N   H2   sing N N 104 
GLU CA  C    sing N N 105 
GLU CA  CB   sing N N 106 
GLU CA  HA   sing N N 107 
GLU C   O    doub N N 108 
GLU C   OXT  sing N N 109 
GLU CB  CG   sing N N 110 
GLU CB  HB2  sing N N 111 
GLU CB  HB3  sing N N 112 
GLU CG  CD   sing N N 113 
GLU CG  HG2  sing N N 114 
GLU CG  HG3  sing N N 115 
GLU CD  OE1  doub N N 116 
GLU CD  OE2  sing N N 117 
GLU OE2 HE2  sing N N 118 
GLU OXT HXT  sing N N 119 
GLY N   CA   sing N N 120 
GLY N   H    sing N N 121 
GLY N   H2   sing N N 122 
GLY CA  C    sing N N 123 
GLY CA  HA2  sing N N 124 
GLY CA  HA3  sing N N 125 
GLY C   O    doub N N 126 
GLY C   OXT  sing N N 127 
GLY OXT HXT  sing N N 128 
HIS N   CA   sing N N 129 
HIS N   H    sing N N 130 
HIS N   H2   sing N N 131 
HIS CA  C    sing N N 132 
HIS CA  CB   sing N N 133 
HIS CA  HA   sing N N 134 
HIS C   O    doub N N 135 
HIS C   OXT  sing N N 136 
HIS CB  CG   sing N N 137 
HIS CB  HB2  sing N N 138 
HIS CB  HB3  sing N N 139 
HIS CG  ND1  sing Y N 140 
HIS CG  CD2  doub Y N 141 
HIS ND1 CE1  doub Y N 142 
HIS ND1 HD1  sing N N 143 
HIS CD2 NE2  sing Y N 144 
HIS CD2 HD2  sing N N 145 
HIS CE1 NE2  sing Y N 146 
HIS CE1 HE1  sing N N 147 
HIS NE2 HE2  sing N N 148 
HIS OXT HXT  sing N N 149 
HOH O   H1   sing N N 150 
HOH O   H2   sing N N 151 
LEU N   CA   sing N N 152 
LEU N   H    sing N N 153 
LEU N   H2   sing N N 154 
LEU CA  C    sing N N 155 
LEU CA  CB   sing N N 156 
LEU CA  HA   sing N N 157 
LEU C   O    doub N N 158 
LEU C   OXT  sing N N 159 
LEU CB  CG   sing N N 160 
LEU CB  HB2  sing N N 161 
LEU CB  HB3  sing N N 162 
LEU CG  CD1  sing N N 163 
LEU CG  CD2  sing N N 164 
LEU CG  HG   sing N N 165 
LEU CD1 HD11 sing N N 166 
LEU CD1 HD12 sing N N 167 
LEU CD1 HD13 sing N N 168 
LEU CD2 HD21 sing N N 169 
LEU CD2 HD22 sing N N 170 
LEU CD2 HD23 sing N N 171 
LEU OXT HXT  sing N N 172 
LYS N   CA   sing N N 173 
LYS N   H    sing N N 174 
LYS N   H2   sing N N 175 
LYS CA  C    sing N N 176 
LYS CA  CB   sing N N 177 
LYS CA  HA   sing N N 178 
LYS C   O    doub N N 179 
LYS C   OXT  sing N N 180 
LYS CB  CG   sing N N 181 
LYS CB  HB2  sing N N 182 
LYS CB  HB3  sing N N 183 
LYS CG  CD   sing N N 184 
LYS CG  HG2  sing N N 185 
LYS CG  HG3  sing N N 186 
LYS CD  CE   sing N N 187 
LYS CD  HD2  sing N N 188 
LYS CD  HD3  sing N N 189 
LYS CE  NZ   sing N N 190 
LYS CE  HE2  sing N N 191 
LYS CE  HE3  sing N N 192 
LYS NZ  HZ1  sing N N 193 
LYS NZ  HZ2  sing N N 194 
LYS NZ  HZ3  sing N N 195 
LYS OXT HXT  sing N N 196 
MET N   CA   sing N N 197 
MET N   H    sing N N 198 
MET N   H2   sing N N 199 
MET CA  C    sing N N 200 
MET CA  CB   sing N N 201 
MET CA  HA   sing N N 202 
MET C   O    doub N N 203 
MET C   OXT  sing N N 204 
MET CB  CG   sing N N 205 
MET CB  HB2  sing N N 206 
MET CB  HB3  sing N N 207 
MET CG  SD   sing N N 208 
MET CG  HG2  sing N N 209 
MET CG  HG3  sing N N 210 
MET SD  CE   sing N N 211 
MET CE  HE1  sing N N 212 
MET CE  HE2  sing N N 213 
MET CE  HE3  sing N N 214 
MET OXT HXT  sing N N 215 
PHE N   CA   sing N N 216 
PHE N   H    sing N N 217 
PHE N   H2   sing N N 218 
PHE CA  C    sing N N 219 
PHE CA  CB   sing N N 220 
PHE CA  HA   sing N N 221 
PHE C   O    doub N N 222 
PHE C   OXT  sing N N 223 
PHE CB  CG   sing N N 224 
PHE CB  HB2  sing N N 225 
PHE CB  HB3  sing N N 226 
PHE CG  CD1  doub Y N 227 
PHE CG  CD2  sing Y N 228 
PHE CD1 CE1  sing Y N 229 
PHE CD1 HD1  sing N N 230 
PHE CD2 CE2  doub Y N 231 
PHE CD2 HD2  sing N N 232 
PHE CE1 CZ   doub Y N 233 
PHE CE1 HE1  sing N N 234 
PHE CE2 CZ   sing Y N 235 
PHE CE2 HE2  sing N N 236 
PHE CZ  HZ   sing N N 237 
PHE OXT HXT  sing N N 238 
PRO N   CA   sing N N 239 
PRO N   CD   sing N N 240 
PRO N   H    sing N N 241 
PRO CA  C    sing N N 242 
PRO CA  CB   sing N N 243 
PRO CA  HA   sing N N 244 
PRO C   O    doub N N 245 
PRO C   OXT  sing N N 246 
PRO CB  CG   sing N N 247 
PRO CB  HB2  sing N N 248 
PRO CB  HB3  sing N N 249 
PRO CG  CD   sing N N 250 
PRO CG  HG2  sing N N 251 
PRO CG  HG3  sing N N 252 
PRO CD  HD2  sing N N 253 
PRO CD  HD3  sing N N 254 
PRO OXT HXT  sing N N 255 
THR N   CA   sing N N 256 
THR N   H    sing N N 257 
THR N   H2   sing N N 258 
THR CA  C    sing N N 259 
THR CA  CB   sing N N 260 
THR CA  HA   sing N N 261 
THR C   O    doub N N 262 
THR C   OXT  sing N N 263 
THR CB  OG1  sing N N 264 
THR CB  CG2  sing N N 265 
THR CB  HB   sing N N 266 
THR OG1 HG1  sing N N 267 
THR CG2 HG21 sing N N 268 
THR CG2 HG22 sing N N 269 
THR CG2 HG23 sing N N 270 
THR OXT HXT  sing N N 271 
TYR N   CA   sing N N 272 
TYR N   H    sing N N 273 
TYR N   H2   sing N N 274 
TYR CA  C    sing N N 275 
TYR CA  CB   sing N N 276 
TYR CA  HA   sing N N 277 
TYR C   O    doub N N 278 
TYR C   OXT  sing N N 279 
TYR CB  CG   sing N N 280 
TYR CB  HB2  sing N N 281 
TYR CB  HB3  sing N N 282 
TYR CG  CD1  doub Y N 283 
TYR CG  CD2  sing Y N 284 
TYR CD1 CE1  sing Y N 285 
TYR CD1 HD1  sing N N 286 
TYR CD2 CE2  doub Y N 287 
TYR CD2 HD2  sing N N 288 
TYR CE1 CZ   doub Y N 289 
TYR CE1 HE1  sing N N 290 
TYR CE2 CZ   sing Y N 291 
TYR CE2 HE2  sing N N 292 
TYR CZ  OH   sing N N 293 
TYR OH  HH   sing N N 294 
TYR OXT HXT  sing N N 295 
# 
_pdbx_audit_support.funding_organization   'Ministry of Science and Technology (MoST, Taiwan)' 
_pdbx_audit_support.country                Taiwan 
_pdbx_audit_support.grant_number           'MOST 109-2311-B-006-004-MY3' 
_pdbx_audit_support.ordinal                1 
# 
_pdbx_initial_refinement_model.id               1 
_pdbx_initial_refinement_model.entity_id_list   ? 
_pdbx_initial_refinement_model.type             'experimental model' 
_pdbx_initial_refinement_model.source_name      PDB 
_pdbx_initial_refinement_model.accession_code   7X41 
_pdbx_initial_refinement_model.details          ? 
# 
_atom_sites.entry_id                    7X44 
_atom_sites.Cartn_transf_matrix[1][1]   ? 
_atom_sites.Cartn_transf_matrix[1][2]   ? 
_atom_sites.Cartn_transf_matrix[1][3]   ? 
_atom_sites.Cartn_transf_matrix[2][1]   ? 
_atom_sites.Cartn_transf_matrix[2][2]   ? 
_atom_sites.Cartn_transf_matrix[2][3]   ? 
_atom_sites.Cartn_transf_matrix[3][1]   ? 
_atom_sites.Cartn_transf_matrix[3][2]   ? 
_atom_sites.Cartn_transf_matrix[3][3]   ? 
_atom_sites.Cartn_transf_vector[1]      ? 
_atom_sites.Cartn_transf_vector[2]      ? 
_atom_sites.Cartn_transf_vector[3]      ? 
_atom_sites.fract_transf_matrix[1][1]   0.00764576 
_atom_sites.fract_transf_matrix[1][2]   -0.01402096 
_atom_sites.fract_transf_matrix[1][3]   -0.04164592 
_atom_sites.fract_transf_matrix[2][1]   0.02260612 
_atom_sites.fract_transf_matrix[2][2]   0.03030831 
_atom_sites.fract_transf_matrix[2][3]   -0.00605367 
_atom_sites.fract_transf_matrix[3][1]   0.01663266 
_atom_sites.fract_transf_matrix[3][2]   -0.01105268 
_atom_sites.fract_transf_matrix[3][3]   0.00677470 
_atom_sites.fract_transf_vector[1]      -0.142748 
_atom_sites.fract_transf_vector[2]      0.153027 
_atom_sites.fract_transf_vector[3]      -0.145375 
_atom_sites.solution_primary            ? 
_atom_sites.solution_secondary          ? 
_atom_sites.solution_hydrogens          ? 
_atom_sites.special_details             ? 
# 
loop_
_atom_type.symbol 
_atom_type.pdbx_scat_Z 
_atom_type.pdbx_N_electrons 
_atom_type.scat_Cromer_Mann_a1 
_atom_type.scat_Cromer_Mann_b1 
_atom_type.scat_Cromer_Mann_a2 
_atom_type.scat_Cromer_Mann_b2 
_atom_type.scat_Cromer_Mann_a3 
_atom_type.scat_Cromer_Mann_b3 
_atom_type.scat_Cromer_Mann_a4 
_atom_type.scat_Cromer_Mann_b4 
_atom_type.scat_Cromer_Mann_c 
C 6  6  2.310  20.844 1.020 10.208 1.589 0.569  0.865 51.651 0.216   
H 1  1  0.493  10.511 0.323 26.126 0.140 3.142  0.041 57.800 0.003   
N 7  7  12.222 0.006  3.135 9.893  2.014 28.997 1.167 0.583  -11.538 
O 8  8  3.049  13.277 2.287 5.701  1.546 0.324  0.867 32.909 0.251   
S 16 16 6.905  1.468  5.203 22.215 1.438 0.254  1.586 56.172 1.056   
# 
loop_
_atom_site.group_PDB 
_atom_site.id 
_atom_site.type_symbol 
_atom_site.label_atom_id 
_atom_site.label_alt_id 
_atom_site.label_comp_id 
_atom_site.label_asym_id 
_atom_site.label_entity_id 
_atom_site.label_seq_id 
_atom_site.pdbx_PDB_ins_code 
_atom_site.Cartn_x 
_atom_site.Cartn_y 
_atom_site.Cartn_z 
_atom_site.occupancy 
_atom_site.B_iso_or_equiv 
_atom_site.pdbx_formal_charge 
_atom_site.auth_seq_id 
_atom_site.auth_comp_id 
_atom_site.auth_asym_id 
_atom_site.auth_atom_id 
_atom_site.pdbx_PDB_model_num 
_atom_site.calc_flag 
_atom_site.pdbx_tls_group_id 
ATOM   1   N N   . ALA A 1 4  ? -5.634 7.864   -8.102  1.000 7.383  0 0   ALA A N   1 ? 1 
ATOM   2   C CA  . ALA A 1 4  ? -4.176 7.573   -8.064  1.000 6.896  0 0   ALA A CA  1 ? 1 
ATOM   3   C C   . ALA A 1 4  ? -3.896 6.220   -7.402  1.000 6.160  0 0   ALA A C   1 ? 1 
ATOM   4   O O   . ALA A 1 4  ? -2.939 5.536   -7.812  1.000 6.666  0 0   ALA A O   1 ? 1 
ATOM   5   C CB  . ALA A 1 4  ? -3.466 8.669   -7.318  1.000 7.128  0 0   ALA A CB  1 ? 1 
ATOM   6   N N   . MET A 1 5  ? -4.625 5.894   -6.341  1.000 5.451  0 1   MET A N   1 ? 1 
ATOM   7   C CA  . MET A 1 5  ? -4.197 4.817   -5.425  1.000 5.139  0 1   MET A CA  1 ? 1 
ATOM   8   C C   . MET A 1 5  ? -4.478 3.447   -6.038  1.000 4.677  0 1   MET A C   1 ? 1 
ATOM   9   O O   . MET A 1 5  ? -5.507 3.235   -6.713  1.000 5.298  0 1   MET A O   1 ? 1 
ATOM   10  C CB  . MET A 1 5  ? -4.850 4.936   -4.049  1.000 5.830  0 1   MET A CB  1 ? 1 
ATOM   11  C CG  . MET A 1 5  ? -6.317 4.623   -4.006  1.000 6.827  0 1   MET A CG  1 ? 1 
ATOM   12  S SD  . MET A 1 5  ? -6.909 4.955   -2.343  1.000 9.098  0 1   MET A SD  1 ? 1 
ATOM   13  C CE  . MET A 1 5  ? -8.664 4.644   -2.525  1.000 11.296 0 1   MET A CE  1 ? 1 
ATOM   14  N N   . CYS A 1 6  ? -3.599 2.511   -5.745  1.000 4.284  0 2   CYS A N   1 ? 1 
ATOM   15  C CA  . CYS A 1 6  ? -3.839 1.085   -6.031  1.000 4.284  0 2   CYS A CA  1 ? 1 
ATOM   16  C C   . CYS A 1 6  ? -4.987 0.599   -5.139  1.000 4.228  0 2   CYS A C   1 ? 1 
ATOM   17  O O   . CYS A 1 6  ? -5.879 -0.112  -5.615  1.000 4.760  0 2   CYS A O   1 ? 1 
ATOM   18  C CB  . CYS A 1 6  ? -2.554 0.312   -5.800  1.000 4.357  0 2   CYS A CB  1 ? 1 
ATOM   19  S SG  . CYS A 1 6  ? -2.552 -1.325  -6.566  1.000 4.760  0 2   CYS A SG  1 ? 1 
ATOM   20  N N   . MET A 1 7  ? -4.940 0.997   -3.877  1.000 4.176  0 3   MET A N   1 ? 1 
ATOM   21  C CA  . MET A 1 7  ? -5.910 0.634   -2.831  1.000 4.276  0 3   MET A CA  1 ? 1 
ATOM   22  C C   . MET A 1 7  ? -5.676 1.599   -1.677  1.000 4.324  0 3   MET A C   1 ? 1 
ATOM   23  O O   . MET A 1 7  ? -4.700 2.354   -1.671  1.000 4.045  0 3   MET A O   1 ? 1 
ATOM   24  C CB  . MET A 1 7  ? -5.693 -0.814  -2.377  1.000 4.682  0 3   MET A CB  1 ? 1 
ATOM   25  C CG  . MET A 1 7  ? -4.375 -1.021  -1.661  1.000 4.777  0 3   MET A CG  1 ? 1 
ATOM   26  S SD  . MET A 1 7  ? -4.081 -2.734  -1.143  1.000 5.651  0 3   MET A SD  1 ? 1 
ATOM   27  C CE  . MET A 1 7  ? -5.335 -2.934  0.122   1.000 6.299  0 3   MET A CE  1 ? 1 
ATOM   28  N N   . PRO A 1 8  ? -6.551 1.614   -0.662  1.000 4.909  0 4   PRO A N   1 ? 1 
ATOM   29  C CA  . PRO A 1 8  ? -6.289 2.409   0.522   1.000 5.350  0 4   PRO A CA  1 ? 1 
ATOM   30  C C   . PRO A 1 8  ? -5.132 1.848   1.358   1.000 5.245  0 4   PRO A C   1 ? 1 
ATOM   31  O O   . PRO A 1 8  ? -4.772 0.661   1.251   1.000 6.492  0 4   PRO A O   1 ? 1 
ATOM   32  C CB  . PRO A 1 8  ? -7.579 2.312   1.345   1.000 6.136  0 4   PRO A CB  1 ? 1 
ATOM   33  C CG  . PRO A 1 8  ? -8.610 1.758   0.392   1.000 6.520  0 4   PRO A CG  1 ? 1 
ATOM   34  C CD  . PRO A 1 8  ? -7.843 0.919   -0.603  1.000 5.768  0 4   PRO A CD  1 ? 1 
ATOM   35  N N   . CYS A 1 9  ? -4.603 2.707   2.217   1.000 4.901  0 5   CYS A N   1 ? 1 
ATOM   36  C CA  . CYS A 1 9  ? -3.818 2.298   3.395   1.000 5.004  0 5   CYS A CA  1 ? 1 
ATOM   37  C C   . CYS A 1 9  ? -4.552 2.779   4.637   1.000 5.296  0 5   CYS A C   1 ? 1 
ATOM   38  O O   . CYS A 1 9  ? -4.749 3.994   4.786   1.000 6.927  0 5   CYS A O   1 ? 1 
ATOM   39  C CB  . CYS A 1 9  ? -2.406 2.862   3.371   1.000 5.263  0 5   CYS A CB  1 ? 1 
ATOM   40  S SG  . CYS A 1 9  ? -1.396 2.179   2.032   1.000 5.386  0 5   CYS A SG  1 ? 1 
ATOM   41  N N   . PHE A 1 10 ? -4.974 1.849   5.479   1.000 4.961  0 6   PHE A N   1 ? 1 
ATOM   42  C CA  . PHE A 1 10 ? -5.627 2.152   6.772   1.000 5.407  0 6   PHE A CA  1 ? 1 
ATOM   43  C C   . PHE A 1 10 ? -4.656 1.810   7.891   1.000 5.523  0 6   PHE A C   1 ? 1 
ATOM   44  O O   . PHE A 1 10 ? -4.214 0.655   7.967   1.000 5.955  0 6   PHE A O   1 ? 1 
ATOM   45  C CB  . PHE A 1 10 ? -6.889 1.316   6.965   1.000 6.143  0 6   PHE A CB  1 ? 1 
ATOM   46  C CG  . PHE A 1 10 ? -7.922 1.430   5.876   1.000 6.905  0 6   PHE A CG  1 ? 1 
ATOM   47  C CD1 . PHE A 1 10 ? -8.599 2.616   5.657   1.000 8.574  0 6   PHE A CD1 1 ? 1 
ATOM   48  C CD2 . PHE A 1 10 ? -8.266 0.332   5.103   1.000 7.601  0 6   PHE A CD2 1 ? 1 
ATOM   49  C CE1 . PHE A 1 10 ? -9.572 2.708   4.673   1.000 9.504  0 6   PHE A CE1 1 ? 1 
ATOM   50  C CE2 . PHE A 1 10 ? -9.243 0.423   4.123   1.000 8.368  0 6   PHE A CE2 1 ? 1 
ATOM   51  C CZ  . PHE A 1 10 ? -9.890 1.612   3.910   1.000 9.236  0 6   PHE A CZ  1 ? 1 
ATOM   52  N N   . THR A 1 11 ? -4.365 2.745   8.783   1.000 5.709  0 7   THR A N   1 ? 1 
ATOM   53  C CA  . THR A 1 11 ? -3.375 2.472   9.852   1.000 6.116  0 7   THR A CA  1 ? 1 
ATOM   54  C C   . THR A 1 11 ? -3.914 1.409   10.804  1.000 5.669  0 7   THR A C   1 ? 1 
ATOM   55  O O   . THR A 1 11 ? -3.108 0.756   11.462  1.000 6.200  0 7   THR A O   1 ? 1 
ATOM   56  C CB  . THR A 1 11 ? -2.981 3.719   10.637  1.000 6.844  0 7   THR A CB  1 ? 1 
ATOM   57  O OG1 . THR A 1 11 ? -4.153 4.284   11.217  1.000 6.627  0 7   THR A OG1 1 ? 1 
ATOM   58  C CG2 . THR A 1 11 ? -2.281 4.739   9.773   1.000 7.422  0 7   THR A CG2 1 ? 1 
ATOM   59  N N   . THR A 1 12 ? -5.228 1.256   10.887  1.000 5.539  0 8   THR A N   1 ? 1 
ATOM   60  C CA  . THR A 1 12 ? -5.863 0.216   11.722  1.000 5.706  0 8   THR A CA  1 ? 1 
ATOM   61  C C   . THR A 1 12 ? -5.568 -1.179  11.176  1.000 6.048  0 8   THR A C   1 ? 1 
ATOM   62  O O   . THR A 1 12 ? -5.794 -2.138  11.910  1.000 7.058  0 8   THR A O   1 ? 1 
ATOM   63  C CB  . THR A 1 12 ? -7.363 0.460   11.803  1.000 5.850  0 8   THR A CB  1 ? 1 
ATOM   64  O OG1 . THR A 1 12 ? -7.772 0.764   10.467  1.000 5.514  0 8   THR A OG1 1 ? 1 
ATOM   65  C CG2 . THR A 1 12 ? -7.709 1.558   12.784  1.000 6.222  0 8   THR A CG2 1 ? 1 
ATOM   66  N N   . ASP A 1 13 ? -5.123 -1.286  9.928   1.000 6.045  0 9   ASP A N   1 ? 1 
ATOM   67  C CA  . ASP A 1 13 ? -4.688 -2.565  9.331   1.000 6.593  0 9   ASP A CA  1 ? 1 
ATOM   68  C C   . ASP A 1 13 ? -3.174 -2.641  9.495   1.000 6.532  0 9   ASP A C   1 ? 1 
ATOM   69  O O   . ASP A 1 13 ? -2.451 -1.970  8.744   1.000 6.587  0 9   ASP A O   1 ? 1 
ATOM   70  C CB  . ASP A 1 13 ? -5.119 -2.661  7.869   1.000 7.012  0 9   ASP A CB  1 ? 1 
ATOM   71  C CG  . ASP A 1 13 ? -4.927 -4.047  7.283   1.000 8.309  0 9   ASP A CG  1 ? 1 
ATOM   72  O OD1 . ASP A 1 13 ? -4.001 -4.742  7.739   1.000 8.771  0 9   ASP A OD1 1 ? 1 
ATOM   73  O OD2 . ASP A 1 13 ? -5.717 -4.429  6.396   1.000 10.979 0 9   ASP A OD2 1 ? 1 
ATOM   74  N N   . HIS A 1 14 ? -2.695 -3.375  10.488  1.000 6.842  0 10  HIS A N   1 ? 1 
ATOM   75  C CA  . HIS A 1 14 ? -1.246 -3.410  10.793  1.000 7.206  0 10  HIS A CA  1 ? 1 
ATOM   76  C C   . HIS A 1 14 ? -0.460 -4.030  9.633   1.000 7.448  0 10  HIS A C   1 ? 1 
ATOM   77  O O   . HIS A 1 14 ? 0.769  -3.850  9.615   1.000 8.845  0 10  HIS A O   1 ? 1 
ATOM   78  C CB  . HIS A 1 14 ? -1.016 -4.124  12.115  1.000 7.385  0 10  HIS A CB  1 ? 1 
ATOM   79  C CG  . HIS A 1 14 ? -1.528 -3.358  13.285  1.000 7.439  0 10  HIS A CG  1 ? 1 
ATOM   80  N ND1 . HIS A 1 14 ? -1.020 -3.545  14.547  1.000 8.189  0 10  HIS A ND1 1 ? 1 
ATOM   81  C CD2 . HIS A 1 14 ? -2.490 -2.415  13.397  1.000 7.486  0 10  HIS A CD2 1 ? 1 
ATOM   82  C CE1 . HIS A 1 14 ? -1.648 -2.759  15.393  1.000 8.392  0 10  HIS A CE1 1 ? 1 
ATOM   83  N NE2 . HIS A 1 14 ? -2.552 -2.053  14.716  1.000 7.740  0 10  HIS A NE2 1 ? 1 
ATOM   84  N N   . ASN A 1 15 ? -1.136 -4.717  8.701   1.000 7.399  0 11  ASN A N   1 ? 1 
ATOM   85  C CA  . ASN A 1 15 ? -0.510 -5.343  7.504   1.000 7.481  0 11  ASN A CA  1 ? 1 
ATOM   86  C C   . ASN A 1 15 ? -0.647 -4.428  6.284   1.000 6.060  0 11  ASN A C   1 ? 1 
ATOM   87  O O   . ASN A 1 15 ? -0.498 -4.925  5.150   1.000 6.411  0 11  ASN A O   1 ? 1 
ATOM   88  C CB  . ASN A 1 15 ? -1.127 -6.706  7.196   1.000 9.356  0 11  ASN A CB  1 ? 1 
ATOM   89  C CG  . ASN A 1 15 ? -0.935 -7.683  8.330   1.000 11.898 0 11  ASN A CG  1 ? 1 
ATOM   90  O OD1 . ASN A 1 15 ? 0.195  -7.941  8.733   1.000 15.344 0 11  ASN A OD1 1 ? 1 
ATOM   91  N ND2 . ASN A 1 15 ? -2.024 -8.218  8.858   1.000 13.973 0 11  ASN A ND2 1 ? 1 
ATOM   92  N N   . MET A 1 16 ? -0.886 -3.136  6.485   1.000 5.668  0 12  MET A N   1 ? 1 
ATOM   93  C CA  . MET A 1 16 ? -1.191 -2.236  5.347   1.000 5.611  0 12  MET A CA  1 ? 1 
ATOM   94  C C   . MET A 1 16 ? -0.011 -2.204  4.366   1.000 5.068  0 12  MET A C   1 ? 1 
ATOM   95  O O   . MET A 1 16 ? -0.263 -2.132  3.156   1.000 5.104  0 12  MET A O   1 ? 1 
ATOM   96  C CB  . MET A 1 16 ? -1.565 -0.819  5.800   1.000 6.262  0 12  MET A CB  1 ? 1 
ATOM   97  C CG  . MET A 1 16 ? -0.450 0.008   6.394   1.000 6.549  0 12  MET A CG  1 ? 1 
ATOM   98  S SD  . MET A 1 16 ? -1.082 1.659   6.825   1.000 7.105  0 12  MET A SD  1 ? 1 
ATOM   99  C CE  . MET A 1 16 ? 0.466  2.533   7.046   1.000 8.599  0 12  MET A CE  1 ? 1 
ATOM   100 N N   . ALA A 1 17 ? 1.238  -2.261  4.830   1.000 4.681  0 13  ALA A N   1 ? 1 
ATOM   101 C CA  . ALA A 1 17 ? 2.394  -2.140  3.910   1.000 4.540  0 13  ALA A CA  1 ? 1 
ATOM   102 C C   . ALA A 1 17 ? 2.492  -3.393  3.031   1.000 4.272  0 13  ALA A C   1 ? 1 
ATOM   103 O O   . ALA A 1 17 ? 2.771  -3.265  1.826   1.000 4.369  0 13  ALA A O   1 ? 1 
ATOM   104 C CB  . ALA A 1 17 ? 3.673  -1.895  4.668   1.000 4.854  0 13  ALA A CB  1 ? 1 
ATOM   105 N N   . ARG A 1 18 ? 2.301  -4.578  3.601   1.000 4.660  0 14  ARG A N   1 ? 1 
ATOM   106 C CA  . ARG A 1 18 ? 2.355  -5.834  2.815   1.000 5.151  0 14  ARG A CA  1 ? 1 
ATOM   107 C C   . ARG A 1 18 ? 1.205  -5.856  1.808   1.000 4.375  0 14  ARG A C   1 ? 1 
ATOM   108 O O   . ARG A 1 18 ? 1.416  -6.290  0.664   1.000 4.445  0 14  ARG A O   1 ? 1 
ATOM   109 C CB  . ARG A 1 18 ? 2.338  -7.039  3.752   1.000 6.714  0 14  ARG A CB  1 ? 1 
ATOM   110 C CG  . ARG A 1 18 ? 3.697  -7.318  4.375   1.000 9.046  0 14  ARG A CG  1 ? 1 
ATOM   111 C CD  . ARG A 1 18 ? 3.657  -8.463  5.356   1.000 11.497 0 14  ARG A CD  1 ? 1 
ATOM   112 N NE  . ARG A 1 18 ? 3.451  -9.734  4.685   1.000 14.405 0 14  ARG A NE  1 ? 1 
ATOM   113 C CZ  . ARG A 1 18 ? 3.305  -10.904 5.299   1.000 15.958 0 14  ARG A CZ  1 ? 1 
ATOM   114 N NH1 . ARG A 1 18 ? 3.348  -10.977 6.619   1.000 16.998 0 14  ARG A NH1 1 ? 1 
ATOM   115 N NH2 . ARG A 1 18 ? 3.117  -12.003 4.588   1.000 18.422 0 14  ARG A NH2 1 ? 1 
ATOM   116 N N   . LYS A 1 19 ? 0.021  -5.417  2.202   1.000 4.290  0 15  LYS A N   1 ? 1 
ATOM   117 C CA  . LYS A 1 19 ? -1.120 -5.385  1.257   1.000 4.245  0 15  LYS A CA  1 ? 1 
ATOM   118 C C   . LYS A 1 19 ? -0.814 -4.420  0.112   1.000 3.741  0 15  LYS A C   1 ? 1 
ATOM   119 O O   . LYS A 1 19 ? -1.086 -4.743  -1.050  1.000 3.809  0 15  LYS A O   1 ? 1 
ATOM   120 C CB  . LYS A 1 19 ? -2.400 -4.995  1.980   1.000 4.899  0 15  LYS A CB  1 ? 1 
ATOM   121 C CG  . LYS A 1 19 ? -2.904 -6.064  2.928   1.000 6.072  0 15  LYS A CG  1 ? 1 
ATOM   122 C CD  . LYS A 1 19 ? -4.244 -5.762  3.517   1.000 7.840  0 15  LYS A CD  1 ? 1 
ATOM   123 C CE  . LYS A 1 19 ? -4.774 -6.917  4.336   1.000 9.321  0 15  LYS A CE  1 ? 1 
ATOM   124 N NZ  . LYS A 1 19 ? -6.143 -6.652  4.831   1.000 10.516 0 15  LYS A NZ  1 ? 1 
ATOM   125 N N   . CYS A 1 20 ? -0.279 -3.253  0.422   1.000 3.516  0 16  CYS A N   1 ? 1 
ATOM   126 C CA  . CYS A 1 20 ? 0.034  -2.240  -0.601  1.000 3.491  0 16  CYS A CA  1 ? 1 
ATOM   127 C C   . CYS A 1 20 ? 1.077  -2.810  -1.577  1.000 3.465  0 16  CYS A C   1 ? 1 
ATOM   128 O O   . CYS A 1 20 ? 0.923  -2.659  -2.808  1.000 3.696  0 16  CYS A O   1 ? 1 
ATOM   129 C CB  . CYS A 1 20 ? 0.485  -0.974  0.100   1.000 3.602  0 16  CYS A CB  1 ? 1 
ATOM   130 S SG  . CYS A 1 20 ? 0.992  0.339   -1.031  1.000 3.832  0 16  CYS A SG  1 ? 1 
ATOM   131 N N   . ASP A 1 21 ? 2.088  -3.503  -1.067  1.000 3.518  0 17  ASP A N   1 ? 1 
ATOM   132 C CA  . ASP A 1 21 ? 3.061  -4.187  -1.950  1.000 3.621  0 17  ASP A CA  1 ? 1 
ATOM   133 C C   . ASP A 1 21 ? 2.332  -5.198  -2.840  1.000 3.609  0 17  ASP A C   1 ? 1 
ATOM   134 O O   . ASP A 1 21 ? 2.623  -5.261  -4.036  1.000 3.887  0 17  ASP A O   1 ? 1 
ATOM   135 C CB  . ASP A 1 21 ? 4.137  -4.893  -1.139  1.000 3.733  0 17  ASP A CB  1 ? 1 
ATOM   136 C CG  . ASP A 1 21 ? 5.309  -4.017  -0.751  1.000 3.735  0 17  ASP A CG  1 ? 1 
ATOM   137 O OD1 . ASP A 1 21 ? 5.366  -2.837  -1.181  1.000 3.896  0 17  ASP A OD1 1 ? 1 
ATOM   138 O OD2 . ASP A 1 21 ? 6.182  -4.543  -0.031  1.000 4.004  0 17  ASP A OD2 1 ? 1 
ATOM   139 N N   . ASP A 1 22 ? 1.439  -5.998  -2.281  1.000 3.777  0 18  ASP A N   1 ? 1 
ATOM   140 C CA  . ASP A 1 22 ? 0.704  -7.018  -3.067  1.000 4.031  0 18  ASP A CA  1 ? 1 
ATOM   141 C C   . ASP A 1 22 ? -0.040 -6.320  -4.213  1.000 3.968  0 18  ASP A C   1 ? 1 
ATOM   142 O O   . ASP A 1 22 ? 0.031  -6.763  -5.372  1.000 4.597  0 18  ASP A O   1 ? 1 
ATOM   143 C CB  . ASP A 1 22 ? -0.209 -7.794  -2.128  1.000 4.674  0 18  ASP A CB  1 ? 1 
ATOM   144 C CG  . ASP A 1 22 ? -0.982 -8.920  -2.770  1.000 5.764  0 18  ASP A CG  1 ? 1 
ATOM   145 O OD1 . ASP A 1 22 ? -0.744 -9.210  -3.952  1.000 7.748  0 18  ASP A OD1 1 ? 1 
ATOM   146 O OD2 . ASP A 1 22 ? -1.844 -9.478  -2.066  1.000 7.393  0 18  ASP A OD2 1 ? 1 
ATOM   147 N N   . CYS A 1 23 ? -0.732 -5.240  -3.908  1.000 3.850  0 19  CYS A N   1 ? 1 
ATOM   148 C CA  . CYS A 1 23 ? -1.490 -4.467  -4.916  1.000 4.015  0 19  CYS A CA  1 ? 1 
ATOM   149 C C   . CYS A 1 23 ? -0.544 -4.033  -6.045  1.000 3.881  0 19  CYS A C   1 ? 1 
ATOM   150 O O   . CYS A 1 23 ? -0.930 -4.056  -7.233  1.000 4.110  0 19  CYS A O   1 ? 1 
ATOM   151 C CB  . CYS A 1 23 ? -2.125 -3.261  -4.247  1.000 4.079  0 19  CYS A CB  1 ? 1 
ATOM   152 S SG  . CYS A 1 23 ? -3.466 -2.518  -5.200  1.000 4.655  0 19  CYS A SG  1 ? 1 
ATOM   153 N N   . CYS A 1 24 ? 0.667  -3.637  -5.673  1.000 3.845  0 20  CYS A N   1 ? 1 
ATOM   154 C CA  . CYS A 1 24 ? 1.640  -3.002  -6.589  1.000 3.986  0 20  CYS A CA  1 ? 1 
ATOM   155 C C   . CYS A 1 24 ? 2.606  -4.017  -7.207  1.000 4.239  0 20  CYS A C   1 ? 1 
ATOM   156 O O   . CYS A 1 24 ? 3.475  -3.589  -7.995  1.000 4.804  0 20  CYS A O   1 ? 1 
ATOM   157 C CB  . CYS A 1 24 ? 2.389  -1.900  -5.862  1.000 4.082  0 20  CYS A CB  1 ? 1 
ATOM   158 S SG  . CYS A 1 24 ? 1.302  -0.512  -5.465  1.000 4.170  0 20  CYS A SG  1 ? 1 
ATOM   159 N N   . GLY A 1 25 ? 2.448  -5.306  -6.914  1.000 4.368  0 21  GLY A N   1 ? 1 
ATOM   160 C CA  . GLY A 1 25 ? 3.139  -6.376  -7.654  1.000 4.705  0 21  GLY A CA  1 ? 1 
ATOM   161 C C   . GLY A 1 25 ? 4.240  -7.070  -6.880  1.000 4.753  0 21  GLY A C   1 ? 1 
ATOM   162 O O   . GLY A 1 25 ? 4.896  -7.933  -7.489  1.000 5.872  0 21  GLY A O   1 ? 1 
ATOM   163 N N   . GLY A 1 26 ? 4.451  -6.746  -5.604  1.000 4.570  0 22  GLY A N   1 ? 1 
ATOM   164 C CA  . GLY A 1 26 ? 5.438  -7.464  -4.787  1.000 4.847  0 22  GLY A CA  1 ? 1 
ATOM   165 C C   . GLY A 1 26 ? 6.288  -6.560  -3.925  1.000 4.625  0 22  GLY A C   1 ? 1 
ATOM   166 O O   . GLY A 1 26 ? 5.992  -5.357  -3.757  1.000 4.356  0 22  GLY A O   1 ? 1 
ATOM   167 N N   . LYS A 1 27 ? 7.329  -7.152  -3.365  1.000 5.070  0 23  LYS A N   1 ? 1 
ATOM   168 C CA  . LYS A 1 27 ? 8.068  -6.569  -2.230  1.000 5.299  0 23  LYS A CA  1 ? 1 
ATOM   169 C C   . LYS A 1 27 ? 8.680  -5.222  -2.626  1.000 4.872  0 23  LYS A C   1 ? 1 
ATOM   170 O O   . LYS A 1 27 ? 9.445  -5.149  -3.606  1.000 5.418  0 23  LYS A O   1 ? 1 
ATOM   171 C CB  . LYS A 1 27 ? 9.141  -7.547  -1.761  1.000 6.254  0 23  LYS A CB  1 ? 1 
ATOM   172 C CG  . LYS A 1 27 ? 10.041 -7.026  -0.652  1.000 7.606  0 23  LYS A CG  1 ? 1 
ATOM   173 C CD  . LYS A 1 27 ? 9.340  -6.644  0.632   1.000 8.972  0 23  LYS A CD  1 ? 1 
ATOM   174 C CE  . LYS A 1 27 ? 8.648  -7.790  1.333   1.000 11.677 0 23  LYS A CE  1 ? 1 
ATOM   175 N NZ  . LYS A 1 27 ? 8.341  -7.458  2.747   1.000 13.538 0 23  LYS A NZ  1 ? 1 
ATOM   176 N N   . GLY A 1 28 ? 8.406  -4.196  -1.830  1.000 4.803  0 24  GLY A N   1 ? 1 
ATOM   177 C CA  . GLY A 1 28 ? 9.000  -2.862  -1.997  1.000 4.952  0 24  GLY A CA  1 ? 1 
ATOM   178 C C   . GLY A 1 28 ? 8.358  -2.046  -3.105  1.000 4.804  0 24  GLY A C   1 ? 1 
ATOM   179 O O   . GLY A 1 28 ? 8.861  -0.952  -3.371  1.000 5.436  0 24  GLY A O   1 ? 1 
ATOM   180 N N   . ARG A 1 29 ? 7.287  -2.522  -3.737  1.000 4.534  0 25  ARG A N   1 ? 1 
ATOM   181 C CA  . ARG A 1 29 ? 6.732  -1.854  -4.945  1.000 4.576  0 25  ARG A CA  1 ? 1 
ATOM   182 C C   . ARG A 1 29 ? 5.660  -0.821  -4.598  1.000 4.512  0 25  ARG A C   1 ? 1 
ATOM   183 O O   . ARG A 1 29 ? 5.376  0.025   -5.455  1.000 5.106  0 25  ARG A O   1 ? 1 
ATOM   184 C CB  . ARG A 1 29 ? 6.161  -2.886  -5.905  1.000 4.630  0 25  ARG A CB  1 ? 1 
ATOM   185 C CG  . ARG A 1 29 ? 7.228  -3.782  -6.502  1.000 4.825  0 25  ARG A CG  1 ? 1 
ATOM   186 C CD  . ARG A 1 29 ? 6.604  -4.688  -7.530  1.000 4.962  0 25  ARG A CD  1 ? 1 
ATOM   187 N NE  . ARG A 1 29 ? 7.525  -5.672  -8.065  1.000 4.928  0 25  ARG A NE  1 ? 1 
ATOM   188 C CZ  . ARG A 1 29 ? 8.390  -5.442  -9.046  1.000 4.827  0 25  ARG A CZ  1 ? 1 
ATOM   189 N NH1 . ARG A 1 29 ? 8.474  -4.248  -9.614  1.000 5.223  0 25  ARG A NH1 1 ? 1 
ATOM   190 N NH2 . ARG A 1 29 ? 9.161  -6.425  -9.477  1.000 4.866  0 25  ARG A NH2 1 ? 1 
ATOM   191 N N   . GLY A 1 30 ? 5.050  -0.912  -3.424  1.000 4.252  0 26  GLY A N   1 ? 1 
ATOM   192 C CA  . GLY A 1 30 ? 3.987  0.019   -3.025  1.000 4.333  0 26  GLY A CA  1 ? 1 
ATOM   193 C C   . GLY A 1 30 ? 4.427  0.866   -1.861  1.000 4.423  0 26  GLY A C   1 ? 1 
ATOM   194 O O   . GLY A 1 30 ? 5.156  0.361   -1.000  1.000 5.381  0 26  GLY A O   1 ? 1 
ATOM   195 N N   . LYS A 1 31 ? 3.969  2.109   -1.799  1.000 4.329  0 27  LYS A N   1 ? 1 
ATOM   196 C CA  . LYS A 1 31 ? 4.192  2.938   -0.596  1.000 4.815  0 27  LYS A CA  1 ? 1 
ATOM   197 C C   . LYS A 1 31 ? 2.850  3.427   -0.072  1.000 4.376  0 27  LYS A C   1 ? 1 
ATOM   198 O O   . LYS A 1 31 ? 2.033  3.961   -0.839  1.000 4.496  0 27  LYS A O   1 ? 1 
ATOM   199 C CB  . LYS A 1 31 ? 5.149  4.100   -0.846  1.000 5.996  0 27  LYS A CB  1 ? 1 
ATOM   200 C CG  . LYS A 1 31 ? 4.689  5.118   -1.863  1.000 7.046  0 27  LYS A CG  1 ? 1 
ATOM   201 C CD  . LYS A 1 31 ? 5.667  6.235   -2.039  1.000 8.082  0 27  LYS A CD  1 ? 1 
ATOM   202 C CE  . LYS A 1 31 ? 5.156  7.271   -3.010  1.000 9.127  0 27  LYS A CE  1 ? 1 
ATOM   203 N NZ  . LYS A 1 31 ? 6.124  8.374   -3.196  1.000 9.850  0 27  LYS A NZ  1 ? 1 
ATOM   204 N N   . CYS A 1 32 ? 2.645  3.255   1.221   1.000 4.395  0 28  CYS A N   1 ? 1 
ATOM   205 C CA  . CYS A 1 32 ? 1.528  3.894   1.932   1.000 4.475  0 28  CYS A CA  1 ? 1 
ATOM   206 C C   . CYS A 1 32 ? 1.926  5.329   2.236   1.000 4.743  0 28  CYS A C   1 ? 1 
ATOM   207 O O   . CYS A 1 32 ? 2.856  5.547   3.027   1.000 5.937  0 28  CYS A O   1 ? 1 
ATOM   208 C CB  . CYS A 1 32 ? 1.187  3.160   3.215   1.000 4.789  0 28  CYS A CB  1 ? 1 
ATOM   209 S SG  . CYS A 1 32 ? 0.331  1.594   2.937   1.000 5.305  0 28  CYS A SG  1 ? 1 
ATOM   210 N N   . TYR A 1 33 ? 1.265  6.271   1.596   1.000 4.874  0 29  TYR A N   1 ? 1 
ATOM   211 C CA  . TYR A 1 33 ? 1.486  7.704   1.841   1.000 5.445  0 29  TYR A CA  1 ? 1 
ATOM   212 C C   . TYR A 1 33 ? 0.157  8.289   2.295   1.000 5.133  0 29  TYR A C   1 ? 1 
ATOM   213 O O   . TYR A 1 33 ? -0.771 8.413   1.483   1.000 5.161  0 29  TYR A O   1 ? 1 
ATOM   214 C CB  . TYR A 1 33 ? 2.064  8.372   0.596   1.000 6.387  0 29  TYR A CB  1 ? 1 
ATOM   215 C CG  . TYR A 1 33 ? 2.214  9.855   0.753   1.000 7.418  0 29  TYR A CG  1 ? 1 
ATOM   216 C CD1 . TYR A 1 33 ? 2.868  10.388  1.847   1.000 8.649  0 29  TYR A CD1 1 ? 1 
ATOM   217 C CD2 . TYR A 1 33 ? 1.638  10.727  -0.150  1.000 8.512  0 29  TYR A CD2 1 ? 1 
ATOM   218 C CE1 . TYR A 1 33 ? 2.964  11.757  2.029   1.000 9.287  0 29  TYR A CE1 1 ? 1 
ATOM   219 C CE2 . TYR A 1 33 ? 1.727  12.097  0.015   1.000 9.407  0 29  TYR A CE2 1 ? 1 
ATOM   220 C CZ  . TYR A 1 33 ? 2.396  12.614  1.108   1.000 9.501  0 29  TYR A CZ  1 ? 1 
ATOM   221 O OH  . TYR A 1 33 ? 2.484  13.964  1.278   1.000 10.749 0 29  TYR A OH  1 ? 1 
ATOM   222 N N   . GLY A 1 34 ? 0.040  8.570   3.585   1.000 5.766  0 30  GLY A N   1 ? 1 
ATOM   223 C CA  . GLY A 1 34 ? -1.266 8.874   4.179   1.000 6.343  0 30  GLY A CA  1 ? 1 
ATOM   224 C C   . GLY A 1 34 ? -2.248 7.765   3.827   1.000 6.154  0 30  GLY A C   1 ? 1 
ATOM   225 O O   . GLY A 1 34 ? -1.907 6.586   3.908   1.000 6.431  0 30  GLY A O   1 ? 1 
ATOM   226 N N   . PRO A 1 35 ? -3.489 8.102   3.429   1.000 6.178  0 31  PRO A N   1 ? 1 
ATOM   227 C CA  . PRO A 1 35 ? -4.519 7.084   3.234   1.000 6.096  0 31  PRO A CA  1 ? 1 
ATOM   228 C C   . PRO A 1 35 ? -4.453 6.338   1.892   1.000 5.103  0 31  PRO A C   1 ? 1 
ATOM   229 O O   . PRO A 1 35 ? -5.350 5.543   1.625   1.000 5.585  0 31  PRO A O   1 ? 1 
ATOM   230 C CB  . PRO A 1 35 ? -5.815 7.897   3.326   1.000 7.030  0 31  PRO A CB  1 ? 1 
ATOM   231 C CG  . PRO A 1 35 ? -5.418 9.254   2.785   1.000 7.599  0 31  PRO A CG  1 ? 1 
ATOM   232 C CD  . PRO A 1 35 ? -4.012 9.470   3.302   1.000 7.041  0 31  PRO A CD  1 ? 1 
ATOM   233 N N   . GLN A 1 36 ? -3.420 6.581   1.082   1.000 4.678  0 32  GLN A N   1 ? 1 
ATOM   234 C CA  . GLN A 1 36 ? -3.329 5.994   -0.275  1.000 4.500  0 32  GLN A CA  1 ? 1 
ATOM   235 C C   . GLN A 1 36 ? -2.118 5.073   -0.389  1.000 4.138  0 32  GLN A C   1 ? 1 
ATOM   236 O O   . GLN A 1 36 ? -1.004 5.466   -0.015  1.000 4.531  0 32  GLN A O   1 ? 1 
ATOM   237 C CB  . GLN A 1 36 ? -3.244 7.088   -1.333  1.000 5.034  0 32  GLN A CB  1 ? 1 
ATOM   238 C CG  . GLN A 1 36 ? -4.485 7.967   -1.382  1.000 5.549  0 32  GLN A CG  1 ? 1 
ATOM   239 C CD  . GLN A 1 36 ? -4.540 8.811   -2.630  1.000 6.365  0 32  GLN A CD  1 ? 1 
ATOM   240 O OE1 . GLN A 1 36 ? -4.173 8.363   -3.712  1.000 7.122  0 32  GLN A OE1 1 ? 1 
ATOM   241 N NE2 . GLN A 1 36 ? -5.019 10.041  -2.496  1.000 7.055  0 32  GLN A NE2 1 ? 1 
ATOM   242 N N   . CYS A 1 37 ? -2.339 3.899   -0.962  1.000 3.838  0 33  CYS A N   1 ? 1 
ATOM   243 C CA  . CYS A 1 37 ? -1.267 3.019   -1.465  1.000 3.763  0 33  CYS A CA  1 ? 1 
ATOM   244 C C   . CYS A 1 37 ? -0.915 3.459   -2.882  1.000 3.911  0 33  CYS A C   1 ? 1 
ATOM   245 O O   . CYS A 1 37 ? -1.791 3.386   -3.762  1.000 4.152  0 33  CYS A O   1 ? 1 
ATOM   246 C CB  . CYS A 1 37 ? -1.718 1.570   -1.476  1.000 3.776  0 33  CYS A CB  1 ? 1 
ATOM   247 S SG  . CYS A 1 37 ? -0.564 0.482   -2.342  1.000 3.892  0 33  CYS A SG  1 ? 1 
ATOM   248 N N   . LEU A 1 38 ? 0.318  3.903   -3.090  1.000 4.111  0 34  LEU A N   1 ? 1 
ATOM   249 C CA  . LEU A 1 38 ? 0.790  4.356   -4.415  1.000 4.521  0 34  LEU A CA  1 ? 1 
ATOM   250 C C   . LEU A 1 38 ? 1.861  3.400   -4.907  1.000 4.595  0 34  LEU A C   1 ? 1 
ATOM   251 O O   . LEU A 1 38 ? 2.826  3.143   -4.175  1.000 5.167  0 34  LEU A O   1 ? 1 
ATOM   252 C CB  . LEU A 1 38 ? 1.337  5.775   -4.298  1.000 5.135  0 34  LEU A CB  1 ? 1 
ATOM   253 C CG  . LEU A 1 38 ? 0.320  6.783   -3.774  1.000 5.930  0 34  LEU A CG  1 ? 1 
ATOM   254 C CD1 . LEU A 1 38 ? 1.008  8.020   -3.231  1.000 6.544  0 34  LEU A CD1 1 ? 1 
ATOM   255 C CD2 . LEU A 1 38 ? -0.699 7.132   -4.850  1.000 5.983  0 34  LEU A CD2 1 ? 1 
ATOM   256 N N   . CYS A 1 39 ? 1.726  2.916   -6.127  1.000 4.643  0 35  CYS A N   1 ? 1 
ATOM   257 C CA  . CYS A 1 39 ? 2.760  2.052   -6.728  1.000 5.263  0 35  CYS A CA  1 ? 1 
ATOM   258 C C   . CYS A 1 39 ? 3.937  2.927   -7.185  1.000 6.903  0 35  CYS A C   1 ? 1 
ATOM   259 O O   . CYS A 1 39 ? 3.711  3.904   -7.932  1.000 8.562  0 35  CYS A O   1 ? 1 
ATOM   260 C CB  . CYS A 1 39 ? 2.187  1.188   -7.844  1.000 5.755  0 35  CYS A CB  1 ? 1 
ATOM   261 S SG  . CYS A 1 39 ? 0.785  0.171   -7.303  1.000 5.227  0 35  CYS A SG  1 ? 1 
ATOM   262 N N   . ARG A 1 40 ? 5.140  2.592   -6.686  1.000 8.693  0 36  ARG A N   1 ? 1 
ATOM   263 C CA  . ARG A 1 40 ? 6.413  3.362   -6.810  1.000 10.041 0 36  ARG A CA  1 ? 1 
ATOM   264 C C   . ARG A 1 40 ? 6.876  3.316   -8.269  1.000 10.907 0 36  ARG A C   1 ? 1 
ATOM   265 O O   . ARG A 1 40 ? 7.702  4.132   -8.674  1.000 12.966 0 36  ARG A O   1 ? 1 
ATOM   266 C CB  . ARG A 1 40 ? 7.509  2.784   -5.896  1.000 10.606 0 36  ARG A CB  1 ? 1 
ATOM   267 C CG  . ARG A 1 40 ? 7.452  3.216   -4.433  1.000 11.146 0 36  ARG A CG  1 ? 1 
ATOM   268 C CD  . ARG A 1 40 ? 8.240  2.295   -3.508  1.000 12.016 0 36  ARG A CD  1 ? 1 
ATOM   269 N NE  . ARG A 1 40 ? 8.653  2.930   -2.256  1.000 12.323 0 36  ARG A NE  1 ? 1 
ATOM   270 C CZ  . ARG A 1 40 ? 9.140  2.282   -1.192  1.000 11.967 0 36  ARG A CZ  1 ? 1 
ATOM   271 N NH1 . ARG A 1 40 ? 9.245  0.963   -1.202  1.000 11.825 0 36  ARG A NH1 1 ? 1 
ATOM   272 N NH2 . ARG A 1 40 ? 9.505  2.958   -0.114  1.000 12.605 0 36  ARG A NH2 1 ? 1 
ATOM   273 O OXT . ARG A 1 40 ? 6.443  2.453   -9.055  1.000 11.008 0 36  ARG A OXT 1 ? 1 
HETATM 274 O O   . HOH B 2 .  ? -6.029 6.189   -9.569  1.000 10.818 0 101 HOH A O   1 ? ? 
HETATM 275 O O   . HOH B 2 .  ? -0.238 5.426   5.570   1.000 18.622 0 102 HOH A O   1 ? ? 
HETATM 276 O O   . HOH B 2 .  ? 8.548  4.687   -11.137 1.000 23.089 0 103 HOH A O   1 ? ? 
HETATM 277 O O   . HOH B 2 .  ? -4.277 -9.967  -3.046  1.000 9.475  0 104 HOH A O   1 ? ? 
HETATM 278 O O   . HOH B 2 .  ? 1.399  4.899   -8.817  1.000 13.281 0 105 HOH A O   1 ? ? 
HETATM 279 O O   . HOH B 2 .  ? -6.952 -2.652  4.814   1.000 15.871 0 106 HOH A O   1 ? ? 
HETATM 280 O O   . HOH B 2 .  ? -3.412 5.355   6.702   1.000 17.782 0 107 HOH A O   1 ? ? 
HETATM 281 O O   . HOH B 2 .  ? 3.397  14.639  3.732   1.000 15.035 0 108 HOH A O   1 ? ? 
HETATM 282 O O   . HOH B 2 .  ? 10.542 -6.893  -5.397  1.000 5.010  0 109 HOH A O   1 ? ? 
HETATM 283 O O   . HOH B 2 .  ? 2.664  -6.913  8.173   1.000 18.525 0 110 HOH A O   1 ? ? 
HETATM 284 O O   . HOH B 2 .  ? -4.612 -7.387  8.164   1.000 20.616 0 111 HOH A O   1 ? ? 
HETATM 285 O O   . HOH B 2 .  ? 4.421  -1.274  -9.134  1.000 15.759 0 112 HOH A O   1 ? ? 
HETATM 286 O O   . HOH B 2 .  ? 5.821  -6.088  2.214   1.000 14.048 0 113 HOH A O   1 ? ? 
HETATM 287 O O   . HOH B 2 .  ? 5.257  6.684   2.303   1.000 14.671 0 114 HOH A O   1 ? ? 
HETATM 288 O O   . HOH B 2 .  ? 2.181  -2.566  7.617   1.000 7.425  0 115 HOH A O   1 ? ? 
HETATM 289 O O   . HOH B 2 .  ? -0.900 -0.058  9.998   1.000 9.108  0 116 HOH A O   1 ? ? 
HETATM 290 O O   . HOH B 2 .  ? -4.679 6.931   10.576  1.000 8.086  0 117 HOH A O   1 ? ? 
HETATM 291 O O   . HOH B 2 .  ? -4.308 -5.200  11.839  1.000 20.773 0 118 HOH A O   1 ? ? 
HETATM 292 O O   . HOH B 2 .  ? 3.145  -8.386  0.004   1.000 16.086 0 119 HOH A O   1 ? ? 
HETATM 293 O O   . HOH B 2 .  ? 3.789  -0.723  1.216   1.000 5.252  0 120 HOH A O   1 ? ? 
HETATM 294 O O   . HOH B 2 .  ? 7.394  -1.674  -9.252  1.000 24.285 0 121 HOH A O   1 ? ? 
HETATM 295 O O   . HOH B 2 .  ? 4.296  -9.011  8.406   1.000 18.308 0 122 HOH A O   1 ? ? 
HETATM 296 O O   . HOH B 2 .  ? -0.735 3.754   -7.580  1.000 6.827  0 123 HOH A O   1 ? ? 
HETATM 297 O O   . HOH B 2 .  ? -8.136 5.936   1.133   1.000 19.538 0 124 HOH A O   1 ? ? 
HETATM 298 O O   . HOH B 2 .  ? 8.461  -8.097  -6.815  1.000 6.638  0 125 HOH A O   1 ? ? 
HETATM 299 O O   . HOH B 2 .  ? 10.705 -0.867  0.487   1.000 22.555 0 126 HOH A O   1 ? ? 
HETATM 300 O O   . HOH B 2 .  ? -2.659 4.420   -10.476 1.000 16.085 0 127 HOH A O   1 ? ? 
HETATM 301 O O   . HOH B 2 .  ? 2.882  -4.958  6.431   1.000 10.588 0 128 HOH A O   1 ? ? 
HETATM 302 O O   . HOH B 2 .  ? 2.316  7.730   5.210   1.000 13.228 0 129 HOH A O   1 ? ? 
HETATM 303 O O   . HOH B 2 .  ? -3.063 -1.358  2.538   1.000 6.883  0 130 HOH A O   1 ? ? 
HETATM 304 O O   . HOH B 2 .  ? -4.494 -0.930  4.598   1.000 11.900 0 131 HOH A O   1 ? ? 
HETATM 305 O O   . HOH B 2 .  ? 7.665  -9.884  -4.551  1.000 11.453 0 132 HOH A O   1 ? ? 
HETATM 306 O O   . HOH B 2 .  ? 1.499  -5.054  15.291  1.000 34.169 0 133 HOH A O   1 ? ? 
HETATM 307 O O   . HOH B 2 .  ? -3.345 8.002   6.886   1.000 17.098 0 134 HOH A O   1 ? ? 
HETATM 308 O O   . HOH B 2 .  ? -2.174 1.696   -8.810  1.000 10.090 0 135 HOH A O   1 ? ? 
HETATM 309 O O   . HOH B 2 .  ? 3.302  -9.298  -2.481  1.000 16.494 0 136 HOH A O   1 ? ? 
HETATM 310 O O   . HOH B 2 .  ? 3.771  0.646   -11.145 1.000 16.231 0 137 HOH A O   1 ? ? 
HETATM 311 O O   . HOH B 2 .  ? 0.122  4.153   -11.193 1.000 16.668 0 138 HOH A O   1 ? ? 
HETATM 312 O O   . HOH B 2 .  ? 1.211  1.544   -11.339 1.000 10.076 0 139 HOH A O   1 ? ? 
HETATM 313 O O   . HOH B 2 .  ? -9.793 5.536   -5.680  1.000 17.704 0 140 HOH A O   1 ? ? 
# 
loop_
_atom_site_anisotrop.id 
_atom_site_anisotrop.type_symbol 
_atom_site_anisotrop.pdbx_label_atom_id 
_atom_site_anisotrop.pdbx_label_alt_id 
_atom_site_anisotrop.pdbx_label_comp_id 
_atom_site_anisotrop.pdbx_label_asym_id 
_atom_site_anisotrop.pdbx_label_seq_id 
_atom_site_anisotrop.pdbx_PDB_ins_code 
_atom_site_anisotrop.U[1][1] 
_atom_site_anisotrop.U[2][2] 
_atom_site_anisotrop.U[3][3] 
_atom_site_anisotrop.U[1][2] 
_atom_site_anisotrop.U[1][3] 
_atom_site_anisotrop.U[2][3] 
_atom_site_anisotrop.pdbx_auth_seq_id 
_atom_site_anisotrop.pdbx_auth_comp_id 
_atom_site_anisotrop.pdbx_auth_asym_id 
_atom_site_anisotrop.pdbx_auth_atom_id 
1   N N   . ALA A 4  ? 0.0883 0.0888 0.1029 0.0237  0.0212  0.0328  0   ALA A N   
2   C CA  . ALA A 4  ? 0.0865 0.0791 0.0954 0.0201  0.0214  0.0316  0   ALA A CA  
3   C C   . ALA A 4  ? 0.0739 0.0738 0.0852 0.0163  0.0171  0.0246  0   ALA A C   
4   O O   . ALA A 4  ? 0.0761 0.0828 0.0940 0.0202  0.0178  0.0213  0   ALA A O   
5   C CB  . ALA A 4  ? 0.0900 0.0730 0.1080 0.0152  0.0234  0.0342  0   ALA A CB  
6   N N   . MET A 5  ? 0.0730 0.0600 0.0740 0.0156  0.0107  0.0180  1   MET A N   
7   C CA  . MET A 5  ? 0.0726 0.0546 0.0679 0.0108  0.0030  0.0109  1   MET A CA  
8   C C   . MET A 5  ? 0.0608 0.0588 0.0575 0.0099  -0.0031 0.0092  1   MET A C   
9   O O   . MET A 5  ? 0.0653 0.0648 0.0709 0.0113  -0.0104 0.0064  1   MET A O   
10  C CB  . MET A 5  ? 0.0895 0.0628 0.0697 0.0180  0.0071  0.0112  1   MET A CB  
11  C CG  . MET A 5  ? 0.0914 0.0833 0.0853 0.0179  0.0104  0.0119  1   MET A CG  
12  S SD  . MET A 5  ? 0.1326 0.1175 0.0949 0.0446  0.0316  0.0199  1   MET A SD  
13  C CE  . MET A 5  ? 0.1437 0.1565 0.1288 0.0239  0.0247  0.0162  1   MET A CE  
14  N N   . CYS A 6  ? 0.0596 0.0528 0.0507 0.0079  -0.0035 0.0044  2   CYS A N   
15  C CA  . CYS A 6  ? 0.0591 0.0545 0.0494 0.0073  -0.0027 0.0013  2   CYS A CA  
16  C C   . CYS A 6  ? 0.0568 0.0542 0.0500 0.0041  -0.0047 -0.0012 2   CYS A C   
17  O O   . CYS A 6  ? 0.0624 0.0662 0.0524 0.0010  -0.0085 -0.0080 2   CYS A O   
18  C CB  . CYS A 6  ? 0.0616 0.0549 0.0495 0.0090  -0.0024 -0.0003 2   CYS A CB  
19  S SG  . CYS A 6  ? 0.0736 0.0602 0.0473 0.0157  -0.0036 -0.0047 2   CYS A SG  
20  N N   . MET A 7  ? 0.0554 0.0537 0.0498 0.0007  -0.0001 -0.0006 3   MET A N   
21  C CA  . MET A 7  ? 0.0509 0.0555 0.0556 -0.0011 0.0015  -0.0018 3   MET A CA  
22  C C   . MET A 7  ? 0.0516 0.0542 0.0592 -0.0052 0.0012  -0.0028 3   MET A C   
23  O O   . MET A 7  ? 0.0497 0.0491 0.0542 -0.0016 0.0020  -0.0019 3   MET A O   
24  C CB  . MET A 7  ? 0.0599 0.0555 0.0626 -0.0011 0.0048  0.0011  3   MET A CB  
25  C CG  . MET A 7  ? 0.0606 0.0553 0.0651 0.0007  0.0049  0.0045  3   MET A CG  
26  S SD  . MET A 7  ? 0.0732 0.0587 0.0821 0.0096  0.0143  0.0104  3   MET A SD  
27  C CE  . MET A 7  ? 0.0760 0.0746 0.0894 0.0012  0.0170  0.0137  3   MET A CE  
28  N N   . PRO A 8  ? 0.0581 0.0684 0.0604 -0.0087 0.0048  -0.0095 4   PRO A N   
29  C CA  . PRO A 8  ? 0.0701 0.0718 0.0611 -0.0145 0.0056  -0.0105 4   PRO A CA  
30  C C   . PRO A 8  ? 0.0829 0.0671 0.0490 -0.0189 0.0016  -0.0073 4   PRO A C   
31  O O   . PRO A 8  ? 0.1116 0.0703 0.0661 -0.0094 -0.0155 -0.0014 4   PRO A O   
32  C CB  . PRO A 8  ? 0.0742 0.0892 0.0696 -0.0136 0.0108  -0.0131 4   PRO A CB  
33  C CG  . PRO A 8  ? 0.0687 0.0994 0.0799 -0.0115 0.0089  -0.0168 4   PRO A CG  
34  C CD  . PRO A 8  ? 0.0616 0.0857 0.0717 -0.0158 0.0056  -0.0115 4   PRO A CD  
35  N N   . CYS A 9  ? 0.0792 0.0653 0.0425 -0.0161 0.0045  -0.0054 5   CYS A N   
36  C CA  . CYS A 9  ? 0.0790 0.0697 0.0403 -0.0160 0.0045  -0.0061 5   CYS A CA  
37  C C   . CYS A 9  ? 0.0833 0.0744 0.0433 -0.0167 0.0071  -0.0086 5   CYS A C   
38  O O   . CYS A 9  ? 0.1284 0.0755 0.0591 -0.0153 0.0227  -0.0122 5   CYS A O   
39  C CB  . CYS A 9  ? 0.0813 0.0738 0.0449 -0.0175 0.0010  -0.0075 5   CYS A CB  
40  S SG  . CYS A 9  ? 0.0776 0.0849 0.0415 -0.0211 0.0008  -0.0066 5   CYS A SG  
41  N N   . PHE A 10 ? 0.0696 0.0798 0.0396 -0.0102 0.0038  -0.0039 6   PHE A N   
42  C CA  . PHE A 10 ? 0.0636 0.0972 0.0442 -0.0071 0.0062  -0.0065 6   PHE A CA  
43  C C   . PHE A 10 ? 0.0669 0.1004 0.0417 -0.0050 0.0063  -0.0064 6   PHE A C   
44  O O   . PHE A 10 ? 0.0730 0.1086 0.0454 0.0060  0.0062  0.0003  6   PHE A O   
45  C CB  . PHE A 10 ? 0.0654 0.1125 0.0551 -0.0132 0.0070  -0.0038 6   PHE A CB  
46  C CG  . PHE A 10 ? 0.0637 0.1347 0.0646 -0.0120 0.0035  -0.0028 6   PHE A CG  
47  C CD1 . PHE A 10 ? 0.0851 0.1381 0.1018 -0.0019 -0.0008 -0.0075 6   PHE A CD1 
48  C CD2 . PHE A 10 ? 0.0772 0.1432 0.0687 -0.0156 0.0080  -0.0109 6   PHE A CD2 
49  C CE1 . PHE A 10 ? 0.0859 0.1614 0.1138 0.0029  -0.0074 -0.0080 6   PHE A CE1 
50  C CE2 . PHE A 10 ? 0.0810 0.1636 0.0735 -0.0185 0.0044  -0.0106 6   PHE A CE2 
51  C CZ  . PHE A 10 ? 0.0810 0.1745 0.0945 -0.0086 0.0000  -0.0084 6   PHE A CZ  
52  N N   . THR A 11 ? 0.0656 0.1061 0.0453 -0.0071 0.0009  -0.0091 7   THR A N   
53  C CA  . THR A 11 ? 0.0673 0.1156 0.0491 -0.0085 -0.0017 -0.0062 7   THR A CA  
54  C C   . THR A 11 ? 0.0527 0.1183 0.0439 -0.0010 0.0008  -0.0058 7   THR A C   
55  O O   . THR A 11 ? 0.0529 0.1354 0.0476 0.0028  -0.0011 -0.0026 7   THR A O   
56  C CB  . THR A 11 ? 0.0832 0.1166 0.0602 -0.0132 -0.0036 -0.0086 7   THR A CB  
57  O OG1 . THR A 11 ? 0.0887 0.0997 0.0635 -0.0088 -0.0111 -0.0125 7   THR A OG1 
58  C CG2 . THR A 11 ? 0.0922 0.1168 0.0730 -0.0157 0.0038  -0.0092 7   THR A CG2 
59  N N   . THR A 12 ? 0.0516 0.1149 0.0445 0.0020  0.0012  -0.0052 8   THR A N   
60  C CA  . THR A 12 ? 0.0541 0.1146 0.0483 0.0056  0.0062  -0.0041 8   THR A CA  
61  C C   . THR A 12 ? 0.0622 0.1141 0.0537 0.0119  0.0099  -0.0008 8   THR A C   
62  O O   . THR A 12 ? 0.0872 0.1178 0.0630 0.0173  0.0197  0.0052  8   THR A O   
63  C CB  . THR A 12 ? 0.0534 0.1132 0.0555 0.0039  0.0068  -0.0111 8   THR A CB  
64  O OG1 . THR A 12 ? 0.0490 0.1020 0.0590 0.0028  0.0024  -0.0134 8   THR A OG1 
65  C CG2 . THR A 12 ? 0.0585 0.1206 0.0579 0.0036  0.0053  -0.0171 8   THR A CG2 
66  N N   . ASP A 13 ? 0.0652 0.1104 0.0534 0.0116  0.0099  -0.0034 9   ASP A N   
67  C CA  . ASP A 13 ? 0.0781 0.1110 0.0610 0.0140  0.0133  -0.0045 9   ASP A CA  
68  C C   . ASP A 13 ? 0.0801 0.1083 0.0596 0.0160  0.0090  -0.0058 9   ASP A C   
69  O O   . ASP A 13 ? 0.0752 0.1112 0.0636 0.0169  0.0124  -0.0083 9   ASP A O   
70  C CB  . ASP A 13 ? 0.0815 0.1199 0.0645 0.0147  0.0075  -0.0060 9   ASP A CB  
71  C CG  . ASP A 13 ? 0.1092 0.1239 0.0819 0.0168  0.0155  -0.0138 9   ASP A CG  
72  O OD1 . ASP A 13 ? 0.1124 0.1244 0.0963 0.0224  0.0168  -0.0148 9   ASP A OD1 
73  O OD2 . ASP A 13 ? 0.1458 0.1543 0.1179 0.0067  -0.0117 -0.0244 9   ASP A OD2 
74  N N   . HIS A 14 ? 0.0869 0.1098 0.0633 0.0205  0.0158  -0.0005 10  HIS A N   
75  C CA  . HIS A 14 ? 0.0895 0.1146 0.0699 0.0243  0.0114  -0.0028 10  HIS A CA  
76  C C   . HIS A 14 ? 0.0878 0.1207 0.0735 0.0278  0.0154  0.0006  10  HIS A C   
77  O O   . HIS A 14 ? 0.0875 0.1633 0.0852 0.0262  0.0098  -0.0017 10  HIS A O   
78  C CB  . HIS A 14 ? 0.1016 0.1091 0.0693 0.0282  0.0063  -0.0054 10  HIS A CB  
79  C CG  . HIS A 14 ? 0.1055 0.1085 0.0689 0.0319  0.0037  -0.0056 10  HIS A CG  
80  N ND1 . HIS A 14 ? 0.1200 0.1186 0.0724 0.0435  -0.0008 -0.0049 10  HIS A ND1 
81  C CD2 . HIS A 14 ? 0.1049 0.1057 0.0734 0.0299  -0.0015 -0.0167 10  HIS A CD2 
82  C CE1 . HIS A 14 ? 0.1248 0.1205 0.0737 0.0398  0.0011  -0.0088 10  HIS A CE1 
83  N NE2 . HIS A 14 ? 0.1110 0.1104 0.0727 0.0307  -0.0023 -0.0170 10  HIS A NE2 
84  N N   . ASN A 15 ? 0.0902 0.1179 0.0729 0.0241  0.0209  -0.0010 11  ASN A N   
85  C CA  . ASN A 15 ? 0.0966 0.1153 0.0721 0.0236  0.0252  0.0043  11  ASN A CA  
86  C C   . ASN A 15 ? 0.0751 0.0993 0.0566 0.0108  0.0189  -0.0105 11  ASN A C   
87  O O   . ASN A 15 ? 0.0869 0.0992 0.0579 0.0059  0.0199  -0.0133 11  ASN A O   
88  C CB  . ASN A 15 ? 0.1206 0.1245 0.1099 0.0125  0.0279  0.0010  11  ASN A CB  
89  C CG  . ASN A 15 ? 0.1541 0.1525 0.1454 0.0181  0.0253  0.0284  11  ASN A CG  
90  O OD1 . ASN A 15 ? 0.1667 0.2064 0.2099 0.0305  0.0073  0.0431  11  ASN A OD1 
91  N ND2 . ASN A 15 ? 0.1687 0.1875 0.1748 0.0029  0.0316  0.0418  11  ASN A ND2 
92  N N   . MET A 16 ? 0.0698 0.0965 0.0488 0.0044  0.0110  -0.0121 12  MET A N   
93  C CA  . MET A 16 ? 0.0679 0.0934 0.0517 0.0007  0.0051  -0.0112 12  MET A CA  
94  C C   . MET A 16 ? 0.0604 0.0835 0.0481 -0.0013 -0.0003 -0.0106 12  MET A C   
95  O O   . MET A 16 ? 0.0615 0.0851 0.0474 -0.0048 -0.0034 -0.0156 12  MET A O   
96  C CB  . MET A 16 ? 0.0817 0.0982 0.0580 0.0074  0.0080  -0.0125 12  MET A CB  
97  C CG  . MET A 16 ? 0.0862 0.0963 0.0655 0.0083  0.0027  -0.0109 12  MET A CG  
98  S SD  . MET A 16 ? 0.1029 0.0931 0.0740 0.0128  -0.0004 -0.0076 12  MET A SD  
99  C CE  . MET A 16 ? 0.1109 0.1159 0.1001 0.0026  -0.0006 -0.0067 12  MET A CE  
100 N N   . ALA A 17 ? 0.0596 0.0753 0.0432 -0.0018 0.0010  -0.0114 13  ALA A N   
101 C CA  . ALA A 17 ? 0.0552 0.0718 0.0460 -0.0018 -0.0005 -0.0088 13  ALA A CA  
102 C C   . ALA A 17 ? 0.0508 0.0691 0.0431 0.0028  -0.0008 -0.0049 13  ALA A C   
103 O O   . ALA A 17 ? 0.0531 0.0704 0.0425 0.0025  -0.0015 -0.0031 13  ALA A O   
104 C CB  . ALA A 17 ? 0.0555 0.0798 0.0498 -0.0025 -0.0018 -0.0098 13  ALA A CB  
105 N N   . ARG A 18 ? 0.0618 0.0704 0.0448 0.0070  -0.0020 -0.0012 14  ARG A N   
106 C CA  . ARG A 18 ? 0.0710 0.0700 0.0550 0.0094  -0.0026 -0.0030 14  ARG A CA  
107 C C   . ARG A 18 ? 0.0642 0.0547 0.0471 0.0057  0.0039  -0.0025 14  ARG A C   
108 O O   . ARG A 18 ? 0.0627 0.0594 0.0469 0.0058  0.0028  -0.0035 14  ARG A O   
109 C CB  . ARG A 18 ? 0.1078 0.0762 0.0710 0.0104  -0.0036 0.0058  14  ARG A CB  
110 C CG  . ARG A 18 ? 0.1163 0.1208 0.1070 0.0163  -0.0154 0.0038  14  ARG A CG  
111 C CD  . ARG A 18 ? 0.1573 0.1432 0.1365 0.0166  -0.0100 0.0253  14  ARG A CD  
112 N NE  . ARG A 18 ? 0.2107 0.1660 0.1703 0.0110  -0.0161 -0.0001 14  ARG A NE  
113 C CZ  . ARG A 18 ? 0.2331 0.1819 0.1909 0.0098  -0.0142 0.0192  14  ARG A CZ  
114 N NH1 . ARG A 18 ? 0.2527 0.2014 0.1928 0.0046  -0.0201 0.0164  14  ARG A NH1 
115 N NH2 . ARG A 18 ? 0.2765 0.1941 0.2293 0.0079  -0.0150 -0.0003 14  ARG A NH2 
116 N N   . LYS A 19 ? 0.0613 0.0551 0.0467 0.0004  0.0050  -0.0022 15  LYS A N   
117 C CA  . LYS A 19 ? 0.0586 0.0538 0.0486 -0.0023 0.0054  -0.0033 15  LYS A CA  
118 C C   . LYS A 19 ? 0.0478 0.0479 0.0464 -0.0007 0.0034  -0.0060 15  LYS A C   
119 O O   . LYS A 19 ? 0.0499 0.0465 0.0486 -0.0014 -0.0001 -0.0061 15  LYS A O   
120 C CB  . LYS A 19 ? 0.0633 0.0672 0.0566 -0.0043 0.0113  -0.0062 15  LYS A CB  
121 C CG  . LYS A 19 ? 0.0829 0.0797 0.0685 -0.0137 0.0130  0.0012  15  LYS A CG  
122 C CD  . LYS A 19 ? 0.0914 0.1143 0.0933 -0.0125 0.0250  -0.0062 15  LYS A CD  
123 C CE  . LYS A 19 ? 0.1227 0.1237 0.1087 -0.0223 0.0276  -0.0002 15  LYS A CE  
124 N NZ  . LYS A 19 ? 0.1256 0.1449 0.1295 -0.0248 0.0336  -0.0064 15  LYS A NZ  
125 N N   . CYS A 20 ? 0.0450 0.0477 0.0413 0.0009  0.0035  -0.0048 16  CYS A N   
126 C CA  . CYS A 20 ? 0.0428 0.0463 0.0429 0.0024  0.0016  -0.0042 16  CYS A CA  
127 C C   . CYS A 20 ? 0.0423 0.0478 0.0419 0.0039  0.0008  -0.0030 16  CYS A C   
128 O O   . CYS A 20 ? 0.0476 0.0514 0.0420 0.0078  0.0004  -0.0035 16  CYS A O   
129 C CB  . CYS A 20 ? 0.0439 0.0468 0.0463 0.0018  0.0023  -0.0040 16  CYS A CB  
130 S SG  . CYS A 20 ? 0.0440 0.0469 0.0552 0.0023  0.0018  -0.0003 16  CYS A SG  
131 N N   . ASP A 21 ? 0.0453 0.0495 0.0382 0.0055  0.0008  -0.0012 17  ASP A N   
132 C CA  . ASP A 21 ? 0.0455 0.0539 0.0386 0.0063  0.0005  -0.0025 17  ASP A CA  
133 C C   . ASP A 21 ? 0.0466 0.0512 0.0392 0.0093  0.0003  -0.0042 17  ASP A C   
134 O O   . ASP A 21 ? 0.0487 0.0604 0.0389 0.0064  0.0013  -0.0021 17  ASP A O   
135 C CB  . ASP A 21 ? 0.0466 0.0544 0.0400 0.0070  0.0008  -0.0010 17  ASP A CB  
136 C CG  . ASP A 21 ? 0.0446 0.0580 0.0394 0.0075  -0.0010 0.0001  17  ASP A CG  
137 O OD1 . ASP A 21 ? 0.0451 0.0574 0.0455 0.0016  -0.0028 -0.0007 17  ASP A OD1 
138 O OD2 . ASP A 21 ? 0.0487 0.0575 0.0458 0.0102  -0.0037 0.0015  17  ASP A OD2 
139 N N   . ASP A 22 ? 0.0508 0.0502 0.0430 0.0060  -0.0006 -0.0043 18  ASP A N   
140 C CA  . ASP A 22 ? 0.0564 0.0489 0.0477 0.0058  -0.0018 -0.0068 18  ASP A CA  
141 C C   . ASP A 22 ? 0.0534 0.0502 0.0474 0.0069  -0.0017 -0.0079 18  ASP A C   
142 O O   . ASP A 22 ? 0.0678 0.0570 0.0512 0.0150  -0.0049 -0.0140 18  ASP A O   
143 C CB  . ASP A 22 ? 0.0625 0.0558 0.0588 0.0029  0.0040  -0.0034 18  ASP A CB  
144 C CG  . ASP A 22 ? 0.0743 0.0622 0.0825 -0.0050 0.0036  -0.0096 18  ASP A CG  
145 O OD1 . ASP A 22 ? 0.1119 0.0948 0.0884 -0.0190 0.0126  -0.0182 18  ASP A OD1 
146 O OD2 . ASP A 22 ? 0.0881 0.0885 0.1053 -0.0118 0.0192  -0.0073 18  ASP A OD2 
147 N N   . CYS A 23 ? 0.0509 0.0484 0.0466 0.0055  -0.0004 -0.0059 19  CYS A N   
148 C CA  . CYS A 23 ? 0.0503 0.0532 0.0495 0.0058  -0.0016 -0.0047 19  CYS A CA  
149 C C   . CYS A 23 ? 0.0506 0.0516 0.0448 0.0064  -0.0033 -0.0051 19  CYS A C   
150 O O   . CYS A 23 ? 0.0538 0.0563 0.0459 0.0068  -0.0045 -0.0066 19  CYS A O   
151 C CB  . CYS A 23 ? 0.0506 0.0532 0.0511 0.0065  0.0000  -0.0028 19  CYS A CB  
152 S SG  . CYS A 23 ? 0.0512 0.0593 0.0665 0.0106  -0.0042 -0.0027 19  CYS A SG  
153 N N   . CYS A 24 ? 0.0499 0.0528 0.0433 0.0058  -0.0022 -0.0025 20  CYS A N   
154 C CA  . CYS A 24 ? 0.0518 0.0586 0.0406 0.0085  0.0002  -0.0013 20  CYS A CA  
155 C C   . CYS A 24 ? 0.0550 0.0647 0.0413 0.0106  0.0026  -0.0035 20  CYS A C   
156 O O   . CYS A 24 ? 0.0610 0.0740 0.0480 0.0123  0.0102  -0.0024 20  CYS A O   
157 C CB  . CYS A 24 ? 0.0520 0.0592 0.0438 0.0067  -0.0003 -0.0016 20  CYS A CB  
158 S SG  . CYS A 24 ? 0.0571 0.0565 0.0444 0.0063  -0.0006 -0.0025 20  CYS A SG  
159 N N   . GLY A 25 ? 0.0580 0.0629 0.0451 0.0109  0.0035  -0.0068 21  GLY A N   
160 C CA  . GLY A 25 ? 0.0630 0.0680 0.0480 0.0157  0.0026  -0.0083 21  GLY A CA  
161 C C   . GLY A 25 ? 0.0625 0.0652 0.0534 0.0167  0.0033  -0.0084 21  GLY A C   
162 O O   . GLY A 25 ? 0.0747 0.0839 0.0644 0.0296  0.0022  -0.0183 21  GLY A O   
163 N N   . GLY A 26 ? 0.0599 0.0613 0.0528 0.0156  0.0029  -0.0055 22  GLY A N   
164 C CA  . GLY A 26 ? 0.0619 0.0636 0.0595 0.0169  0.0019  -0.0025 22  GLY A CA  
165 C C   . GLY A 26 ? 0.0577 0.0628 0.0555 0.0167  0.0047  -0.0017 22  GLY A C   
166 O O   . GLY A 26 ? 0.0483 0.0624 0.0552 0.0145  0.0012  -0.0013 22  GLY A O   
167 N N   . LYS A 27 ? 0.0628 0.0685 0.0607 0.0210  -0.0001 -0.0039 23  LYS A N   
168 C CA  . LYS A 27 ? 0.0609 0.0768 0.0633 0.0184  -0.0007 -0.0031 23  LYS A CA  
169 C C   . LYS A 27 ? 0.0491 0.0790 0.0568 0.0172  0.0026  -0.0053 23  LYS A C   
170 O O   . LYS A 27 ? 0.0558 0.0869 0.0633 0.0156  0.0089  -0.0066 23  LYS A O   
171 C CB  . LYS A 27 ? 0.0738 0.0879 0.0764 0.0270  -0.0055 -0.0004 23  LYS A CB  
172 C CG  . LYS A 27 ? 0.0889 0.1080 0.0921 0.0232  -0.0201 -0.0026 23  LYS A CG  
173 C CD  . LYS A 27 ? 0.1076 0.1338 0.0996 0.0276  -0.0165 -0.0094 23  LYS A CD  
174 C CE  . LYS A 27 ? 0.1464 0.1426 0.1550 0.0178  -0.0092 0.0024  23  LYS A CE  
175 N NZ  . LYS A 27 ? 0.1756 0.1767 0.1617 0.0209  -0.0105 -0.0063 23  LYS A NZ  
176 N N   . GLY A 28 ? 0.0480 0.0769 0.0571 0.0129  0.0038  -0.0054 24  GLY A N   
177 C CA  . GLY A 28 ? 0.0471 0.0789 0.0620 0.0115  0.0026  -0.0055 24  GLY A CA  
178 C C   . GLY A 28 ? 0.0461 0.0749 0.0619 0.0098  0.0055  -0.0050 24  GLY A C   
179 O O   . GLY A 28 ? 0.0537 0.0787 0.0746 0.0042  0.0032  -0.0032 24  GLY A O   
180 N N   . ARG A 29 ? 0.0454 0.0685 0.0581 0.0103  0.0060  -0.0012 25  ARG A N   
181 C CA  . ARG A 29 ? 0.0472 0.0692 0.0576 0.0099  0.0077  0.0002  25  ARG A CA  
182 C C   . ARG A 29 ? 0.0494 0.0640 0.0576 0.0085  0.0079  0.0008  25  ARG A C   
183 O O   . ARG A 29 ? 0.0591 0.0687 0.0662 0.0133  0.0101  0.0075  25  ARG A O   
184 C CB  . ARG A 29 ? 0.0482 0.0708 0.0570 0.0105  0.0068  0.0003  25  ARG A CB  
185 C CG  . ARG A 29 ? 0.0493 0.0742 0.0605 0.0125  0.0087  0.0011  25  ARG A CG  
186 C CD  . ARG A 29 ? 0.0552 0.0744 0.0594 0.0104  0.0099  0.0009  25  ARG A CD  
187 N NE  . ARG A 29 ? 0.0541 0.0742 0.0587 0.0088  0.0104  0.0003  25  ARG A NE  
188 C CZ  . ARG A 29 ? 0.0510 0.0761 0.0569 0.0121  0.0095  -0.0021 25  ARG A CZ  
189 N NH1 . ARG A 29 ? 0.0556 0.0782 0.0642 0.0173  0.0157  0.0010  25  ARG A NH1 
190 N NH2 . ARG A 29 ? 0.0515 0.0761 0.0564 0.0134  0.0098  -0.0011 25  ARG A NH2 
191 N N   . GLY A 30 ? 0.0461 0.0609 0.0539 0.0107  0.0035  -0.0002 26  GLY A N   
192 C CA  . GLY A 30 ? 0.0487 0.0583 0.0570 0.0119  0.0022  -0.0015 26  GLY A CA  
193 C C   . GLY A 30 ? 0.0539 0.0565 0.0586 0.0119  0.0007  -0.0013 26  GLY A C   
194 O O   . GLY A 30 ? 0.0747 0.0692 0.0602 0.0177  -0.0098 -0.0029 26  GLY A O   
195 N N   . LYS A 31 ? 0.0521 0.0540 0.0590 0.0092  -0.0008 0.0008  27  LYS A N   
196 C CA  . LYS A 31 ? 0.0577 0.0598 0.0655 0.0073  -0.0036 -0.0053 27  LYS A CA  
197 C C   . LYS A 31 ? 0.0552 0.0512 0.0596 0.0057  -0.0071 -0.0023 27  LYS A C   
198 O O   . LYS A 31 ? 0.0604 0.0536 0.0580 0.0133  -0.0043 -0.0027 27  LYS A O   
199 C CB  . LYS A 31 ? 0.0687 0.0722 0.0860 -0.0037 -0.0001 -0.0044 27  LYS A CB  
200 C CG  . LYS A 31 ? 0.0872 0.0869 0.0939 0.0020  -0.0027 0.0023  27  LYS A CG  
201 C CD  . LYS A 31 ? 0.1009 0.0939 0.1122 -0.0057 -0.0008 0.0104  27  LYS A CD  
202 C CE  . LYS A 31 ? 0.1226 0.0977 0.1267 -0.0008 -0.0014 0.0183  27  LYS A CE  
203 N NZ  . LYS A 31 ? 0.1378 0.0976 0.1386 -0.0058 -0.0008 0.0215  27  LYS A NZ  
204 N N   . CYS A 32 ? 0.0578 0.0511 0.0581 0.0021  -0.0100 -0.0023 28  CYS A N   
205 C CA  . CYS A 32 ? 0.0608 0.0508 0.0584 0.0027  -0.0082 -0.0018 28  CYS A CA  
206 C C   . CYS A 32 ? 0.0663 0.0513 0.0634 0.0020  -0.0127 -0.0036 28  CYS A C   
207 O O   . CYS A 32 ? 0.0785 0.0584 0.0881 -0.0044 -0.0298 -0.0016 28  CYS A O   
208 C CB  . CYS A 32 ? 0.0698 0.0577 0.0546 -0.0002 -0.0084 -0.0035 28  CYS A CB  
209 S SG  . CYS A 32 ? 0.0881 0.0575 0.0565 -0.0065 0.0018  -0.0011 28  CYS A SG  
210 N N   . TYR A 33 ? 0.0698 0.0486 0.0667 0.0027  -0.0126 -0.0029 29  TYR A N   
211 C CA  . TYR A 33 ? 0.0816 0.0495 0.0759 0.0010  -0.0110 -0.0066 29  TYR A CA  
212 C C   . TYR A 33 ? 0.0825 0.0471 0.0654 0.0023  -0.0094 -0.0049 29  TYR A C   
213 O O   . TYR A 33 ? 0.0800 0.0493 0.0667 0.0114  -0.0065 0.0013  29  TYR A O   
214 C CB  . TYR A 33 ? 0.0980 0.0597 0.0843 -0.0005 -0.0034 -0.0007 29  TYR A CB  
215 C CG  . TYR A 33 ? 0.1207 0.0612 0.1001 -0.0033 0.0007  -0.0051 29  TYR A CG  
216 C CD1 . TYR A 33 ? 0.1420 0.0818 0.1052 -0.0111 -0.0091 -0.0053 29  TYR A CD1 
217 C CD2 . TYR A 33 ? 0.1409 0.0747 0.1085 0.0000  -0.0112 -0.0012 29  TYR A CD2 
218 C CE1 . TYR A 33 ? 0.1533 0.0851 0.1146 -0.0170 -0.0062 -0.0164 29  TYR A CE1 
219 C CE2 . TYR A 33 ? 0.1604 0.0767 0.1209 -0.0052 -0.0100 -0.0043 29  TYR A CE2 
220 C CZ  . TYR A 33 ? 0.1613 0.0758 0.1239 -0.0114 -0.0020 -0.0138 29  TYR A CZ  
221 O OH  . TYR A 33 ? 0.1876 0.0782 0.1431 -0.0159 -0.0066 -0.0185 29  TYR A OH  
222 N N   . GLY A 34 ? 0.0936 0.0572 0.0682 -0.0010 -0.0050 -0.0112 30  GLY A N   
223 C CA  . GLY A 34 ? 0.1002 0.0652 0.0746 -0.0014 0.0044  -0.0139 30  GLY A CA  
224 C C   . GLY A 34 ? 0.1011 0.0659 0.0670 -0.0039 0.0119  -0.0145 30  GLY A C   
225 O O   . GLY A 34 ? 0.1087 0.0664 0.0690 -0.0024 0.0058  -0.0124 30  GLY A O   
226 N N   . PRO A 35 ? 0.0967 0.0647 0.0736 -0.0011 0.0201  -0.0189 31  PRO A N   
227 C CA  . PRO A 35 ? 0.0870 0.0725 0.0716 -0.0009 0.0216  -0.0176 31  PRO A CA  
228 C C   . PRO A 35 ? 0.0664 0.0607 0.0659 0.0010  0.0129  -0.0105 31  PRO A C   
229 O O   . PRO A 35 ? 0.0721 0.0627 0.0772 -0.0039 0.0163  -0.0133 31  PRO A O   
230 C CB  . PRO A 35 ? 0.0929 0.0846 0.0896 0.0060  0.0214  -0.0233 31  PRO A CB  
231 C CG  . PRO A 35 ? 0.1057 0.0856 0.0968 0.0072  0.0239  -0.0196 31  PRO A CG  
232 C CD  . PRO A 35 ? 0.1071 0.0686 0.0924 0.0042  0.0236  -0.0195 31  PRO A CD  
233 N N   . GLN A 36 ? 0.0621 0.0589 0.0570 0.0050  0.0075  -0.0109 32  GLN A N   
234 C CA  . GLN A 36 ? 0.0566 0.0580 0.0564 0.0089  0.0020  -0.0101 32  GLN A CA  
235 C C   . GLN A 36 ? 0.0510 0.0516 0.0544 0.0037  -0.0004 -0.0081 32  GLN A C   
236 O O   . GLN A 36 ? 0.0504 0.0545 0.0671 0.0044  -0.0043 -0.0106 32  GLN A O   
237 C CB  . GLN A 36 ? 0.0713 0.0593 0.0604 0.0117  0.0010  -0.0069 32  GLN A CB  
238 C CG  . GLN A 36 ? 0.0810 0.0667 0.0633 0.0199  -0.0016 -0.0060 32  GLN A CG  
239 C CD  . GLN A 36 ? 0.0994 0.0757 0.0669 0.0234  -0.0053 -0.0015 32  GLN A CD  
240 O OE1 . GLN A 36 ? 0.1221 0.0811 0.0678 0.0325  -0.0076 -0.0044 32  GLN A OE1 
241 N NE2 . GLN A 36 ? 0.1180 0.0770 0.0730 0.0309  -0.0063 0.0010  32  GLN A NE2 
242 N N   . CYS A 37 ? 0.0465 0.0493 0.0502 0.0076  -0.0008 -0.0059 33  CYS A N   
243 C CA  . CYS A 37 ? 0.0462 0.0499 0.0469 0.0075  -0.0015 -0.0049 33  CYS A CA  
244 C C   . CYS A 37 ? 0.0490 0.0516 0.0484 0.0082  -0.0024 -0.0011 33  CYS A C   
245 O O   . CYS A 37 ? 0.0499 0.0612 0.0459 0.0060  -0.0019 -0.0009 33  CYS A O   
246 C CB  . CYS A 37 ? 0.0483 0.0486 0.0461 0.0077  -0.0020 -0.0038 33  CYS A CB  
247 S SG  . CYS A 37 ? 0.0563 0.0471 0.0446 0.0108  -0.0008 -0.0022 33  CYS A SG  
248 N N   . LEU A 38 ? 0.0500 0.0516 0.0544 0.0077  -0.0002 0.0014  34  LEU A N   
249 C CA  . LEU A 38 ? 0.0580 0.0549 0.0591 0.0094  0.0040  0.0045  34  LEU A CA  
250 C C   . LEU A 38 ? 0.0602 0.0540 0.0599 0.0112  0.0047  0.0076  34  LEU A C   
251 O O   . LEU A 38 ? 0.0651 0.0661 0.0648 0.0171  -0.0004 0.0031  34  LEU A O   
252 C CB  . LEU A 38 ? 0.0655 0.0552 0.0744 0.0082  0.0049  0.0038  34  LEU A CB  
253 C CG  . LEU A 38 ? 0.0743 0.0625 0.0883 0.0155  0.0075  0.0013  34  LEU A CG  
254 C CD1 . LEU A 38 ? 0.0874 0.0683 0.0933 0.0097  0.0080  -0.0036 34  LEU A CD1 
255 C CD2 . LEU A 38 ? 0.0753 0.0604 0.0923 0.0175  0.0065  0.0023  34  LEU A CD2 
256 N N   . CYS A 39 ? 0.0636 0.0549 0.0585 0.0149  0.0106  0.0081  35  CYS A N   
257 C CA  . CYS A 39 ? 0.0696 0.0612 0.0683 0.0194  0.0180  0.0124  35  CYS A CA  
258 C C   . CYS A 39 ? 0.0858 0.0696 0.1066 0.0173  0.0380  0.0250  35  CYS A C   
259 O O   . CYS A 39 ? 0.1028 0.0852 0.1369 0.0195  0.0470  0.0482  35  CYS A O   
260 C CB  . CYS A 39 ? 0.0880 0.0687 0.0613 0.0279  0.0104  0.0094  35  CYS A CB  
261 S SG  . CYS A 39 ? 0.0849 0.0635 0.0506 0.0222  -0.0101 -0.0029 35  CYS A SG  
262 N N   . ARG A 40 ? 0.0890 0.0982 0.1429 0.0193  0.0339  0.0393  36  ARG A N   
263 C CA  . ARG A 40 ? 0.1080 0.1164 0.1576 -0.0001 0.0307  0.0268  36  ARG A CA  
264 C C   . ARG A 40 ? 0.1352 0.1276 0.1523 0.0079  0.0225  0.0319  36  ARG A C   
265 O O   . ARG A 40 ? 0.1533 0.1669 0.1718 -0.0129 0.0245  0.0505  36  ARG A O   
266 C CB  . ARG A 40 ? 0.1097 0.1436 0.1497 0.0005  0.0230  0.0162  36  ARG A CB  
267 C CG  . ARG A 40 ? 0.1224 0.1505 0.1511 -0.0019 0.0106  0.0119  36  ARG A CG  
268 C CD  . ARG A 40 ? 0.1497 0.1635 0.1438 0.0033  -0.0031 0.0077  36  ARG A CD  
269 N NE  . ARG A 40 ? 0.1501 0.1652 0.1527 0.0040  -0.0177 0.0067  36  ARG A NE  
270 C CZ  . ARG A 40 ? 0.1526 0.1597 0.1427 0.0030  -0.0166 -0.0011 36  ARG A CZ  
271 N NH1 . ARG A 40 ? 0.1515 0.1601 0.1374 0.0021  -0.0306 0.0006  36  ARG A NH1 
272 N NH2 . ARG A 40 ? 0.1647 0.1686 0.1457 0.0064  -0.0207 -0.0059 36  ARG A NH2 
273 O OXT . ARG A 40 ? 0.1396 0.1259 0.1525 0.0099  0.0330  0.0257  36  ARG A OXT 
274 O O   . HOH B .  ? 0.1152 0.1798 0.1160 -0.0096 -0.0264 0.0345  101 HOH A O   
275 O O   . HOH B .  ? 0.2630 0.2139 0.2311 0.0567  -0.0231 -0.0130 102 HOH A O   
276 O O   . HOH B .  ? 0.3189 0.2998 0.2583 0.0646  0.0851  0.0716  103 HOH A O   
277 O O   . HOH B .  ? 0.0804 0.1486 0.1310 -0.0070 0.0016  -0.0060 104 HOH A O   
278 O O   . HOH B .  ? 0.1459 0.1550 0.2031 0.0142  0.0168  0.0924  105 HOH A O   
279 O O   . HOH B .  ? 0.1815 0.2304 0.1921 -0.0367 -0.0280 0.0094  106 HOH A O   
280 O O   . HOH B .  ? 0.2944 0.2035 0.1781 -0.0311 -0.0558 -0.0243 107 HOH A O   
281 O O   . HOH B .  ? 0.1661 0.1766 0.2283 -0.0228 -0.0149 -0.0692 108 HOH A O   
282 O O   . HOH B .  ? 0.0555 0.0690 0.0665 0.0185  0.0058  0.0058  109 HOH A O   
283 O O   . HOH B .  ? 0.2176 0.2241 0.2623 0.0218  0.0124  0.0751  110 HOH A O   
284 O O   . HOH B .  ? 0.2149 0.2471 0.3220 -0.0187 0.0672  0.0187  111 HOH A O   
285 O O   . HOH B .  ? 0.1849 0.1957 0.2184 0.0055  0.0520  0.0478  112 HOH A O   
286 O O   . HOH B .  ? 0.1674 0.1983 0.1684 0.0457  0.0005  0.0695  113 HOH A O   
287 O O   . HOH B .  ? 0.1092 0.2054 0.2424 0.0144  0.0170  0.0684  114 HOH A O   
288 O O   . HOH B .  ? 0.0803 0.1350 0.0677 -0.0196 -0.0140 0.0182  115 HOH A O   
289 O O   . HOH B .  ? 0.1029 0.1425 0.0997 0.0152  0.0046  -0.0083 116 HOH A O   
290 O O   . HOH B .  ? 0.1290 0.0868 0.0912 -0.0049 -0.0025 -0.0020 117 HOH A O   
291 O O   . HOH B .  ? 0.2667 0.2680 0.2553 -0.0628 -0.0159 0.0498  118 HOH A O   
292 O O   . HOH B .  ? 0.2409 0.1879 0.1822 0.0705  0.0032  -0.0100 119 HOH A O   
293 O O   . HOH B .  ? 0.0633 0.0723 0.0644 -0.0038 0.0052  -0.0100 120 HOH A O   
294 O O   . HOH B .  ? 0.2731 0.3624 0.2875 0.0485  0.0551  -0.0862 121 HOH A O   
295 O O   . HOH B .  ? 0.1910 0.1991 0.3059 0.0074  -0.0053 0.0155  122 HOH A O   
296 O O   . HOH B .  ? 0.0718 0.0849 0.1033 0.0270  -0.0067 -0.0030 123 HOH A O   
297 O O   . HOH B .  ? 0.2363 0.1611 0.3446 -0.0094 -0.0110 -0.0355 124 HOH A O   
298 O O   . HOH B .  ? 0.0725 0.0867 0.0929 0.0109  0.0019  0.0070  125 HOH A O   
299 O O   . HOH B .  ? 0.2628 0.4472 0.1480 -0.0272 0.0405  -0.0782 126 HOH A O   
300 O O   . HOH B .  ? 0.2740 0.1839 0.1531 0.0896  -0.0339 -0.0135 127 HOH A O   
301 O O   . HOH B .  ? 0.1742 0.1436 0.0843 -0.0043 -0.0331 0.0156  128 HOH A O   
302 O O   . HOH B .  ? 0.2039 0.1533 0.1458 -0.0020 -0.0839 0.0183  129 HOH A O   
303 O O   . HOH B .  ? 0.0993 0.0788 0.0839 0.0040  -0.0093 -0.0058 130 HOH A O   
304 O O   . HOH B .  ? 0.3162 0.0663 0.0696 -0.0001 -0.0110 0.0017  131 HOH A O   
305 O O   . HOH B .  ? 0.1191 0.1099 0.2060 0.0183  0.0147  -0.0005 132 HOH A O   
306 O O   . HOH B .  ? 0.3012 0.5469 0.4499 -0.0174 -0.0514 -0.0792 133 HOH A O   
307 O O   . HOH B .  ? 0.3279 0.1745 0.1477 -0.0533 0.0661  -0.0276 134 HOH A O   
308 O O   . HOH B .  ? 0.1200 0.1444 0.1196 -0.0120 -0.0029 -0.0056 135 HOH A O   
309 O O   . HOH B .  ? 0.2259 0.2222 0.1789 0.0701  -0.0368 -0.0047 136 HOH A O   
310 O O   . HOH B .  ? 0.1794 0.2209 0.2157 0.0136  0.0515  0.0457  137 HOH A O   
311 O O   . HOH B .  ? 0.2496 0.1757 0.2087 -0.0030 0.0151  0.0185  138 HOH A O   
312 O O   . HOH B .  ? 0.1203 0.1428 0.1189 -0.0017 0.0141  0.0205  139 HOH A O   
313 O O   . HOH B .  ? 0.1896 0.2092 0.2732 -0.0527 -0.0389 0.0400  140 HOH A O   
# 
